data_7Q91
#
_entry.id   7Q91
#
_cell.length_a   58.308
_cell.length_b   133.339
_cell.length_c   86.863
_cell.angle_alpha   90.000
_cell.angle_beta   100.097
_cell.angle_gamma   90.000
#
_symmetry.space_group_name_H-M   'P 1 21 1'
#
loop_
_entity.id
_entity.type
_entity.pdbx_description
1 polymer 'NADQ transcription factor'
2 non-polymer 'SODIUM ION'
3 water water
#
_entity_poly.entity_id   1
_entity_poly.type   'polypeptide(L)'
_entity_poly.pdbx_seq_one_letter_code
;MRGSHHHHHHGMASMTGGQQMGRDLYDDDDKDHPFTVTIGLAHAELIAVVTAITTDEPRVMTVREGAALPSGPFEFGHRT
LQSGLREWIHEQTHHPVGYLEQLYTFADRDRNNEILGGRTISIGYLGLVREQEAPSGKSAFWHGWYEYFPWEDHRQGRPD
ILDSIIDKLRAWADSEPDSRAQRHLRADFTFGLDGGGWNEELTLQRYELLYEAGLVGEAQSEPRINFGRPMFADHRRILA
TGIARLRAKIKYRPVVFELMADSFTLLQLQRAIEALAGLTLHKQNFRRLIEQQQLVEETGDMATETGGRPAKLFRFRQTV
LDERALSGTKLPLSRN
;
_entity_poly.pdbx_strand_id   A,B,C,D
#
# COMPACT_ATOMS: atom_id res chain seq x y z
N THR A 38 3.26 -46.76 34.08
CA THR A 38 3.21 -45.30 34.21
C THR A 38 2.09 -44.71 33.36
N ILE A 39 1.27 -43.86 33.98
CA ILE A 39 0.13 -43.23 33.30
C ILE A 39 0.60 -42.00 32.55
N GLY A 40 -0.04 -41.73 31.41
CA GLY A 40 0.17 -40.49 30.69
C GLY A 40 1.36 -40.46 29.76
N LEU A 41 1.88 -41.60 29.35
CA LEU A 41 2.98 -41.65 28.39
C LEU A 41 2.45 -41.64 26.96
N ALA A 42 3.26 -41.08 26.06
CA ALA A 42 2.90 -41.06 24.65
C ALA A 42 4.15 -41.15 23.80
N HIS A 43 3.98 -41.64 22.59
CA HIS A 43 5.01 -41.60 21.56
C HIS A 43 4.60 -40.56 20.53
N ALA A 44 5.53 -39.66 20.19
CA ALA A 44 5.24 -38.53 19.32
C ALA A 44 6.01 -38.65 18.02
N GLU A 45 5.29 -38.63 16.91
CA GLU A 45 5.89 -38.53 15.59
C GLU A 45 5.86 -37.07 15.14
N LEU A 46 6.98 -36.59 14.61
CA LEU A 46 7.10 -35.26 14.04
C LEU A 46 7.01 -35.37 12.53
N ILE A 47 6.10 -34.61 11.93
CA ILE A 47 5.75 -34.77 10.51
C ILE A 47 5.88 -33.43 9.81
N ALA A 48 6.55 -33.43 8.66
CA ALA A 48 6.90 -32.21 7.95
C ALA A 48 6.03 -32.03 6.71
N VAL A 49 5.46 -30.84 6.57
CA VAL A 49 4.77 -30.44 5.35
C VAL A 49 5.57 -29.30 4.72
N VAL A 50 6.52 -29.64 3.84
CA VAL A 50 7.40 -28.66 3.22
C VAL A 50 6.92 -28.42 1.79
N THR A 51 6.47 -27.21 1.52
CA THR A 51 5.80 -26.86 0.27
C THR A 51 6.67 -25.97 -0.59
N ALA A 52 6.63 -26.19 -1.91
CA ALA A 52 7.19 -25.30 -2.91
C ALA A 52 6.15 -25.05 -3.98
N ILE A 53 6.45 -24.12 -4.88
CA ILE A 53 5.63 -23.85 -6.06
C ILE A 53 6.54 -23.97 -7.28
N THR A 54 6.22 -24.91 -8.16
CA THR A 54 7.04 -25.19 -9.33
C THR A 54 6.12 -25.40 -10.52
N THR A 55 6.37 -24.65 -11.60
CA THR A 55 5.51 -24.66 -12.79
C THR A 55 4.07 -24.33 -12.41
N ASP A 56 3.92 -23.35 -11.51
CA ASP A 56 2.61 -22.86 -11.07
C ASP A 56 1.75 -23.98 -10.49
N GLU A 57 2.39 -24.92 -9.80
CA GLU A 57 1.70 -26.01 -9.12
C GLU A 57 2.25 -26.15 -7.71
N PRO A 58 1.40 -26.13 -6.68
CA PRO A 58 1.88 -26.32 -5.30
C PRO A 58 2.32 -27.77 -5.10
N ARG A 59 3.51 -27.94 -4.53
CA ARG A 59 4.10 -29.26 -4.41
C ARG A 59 4.60 -29.47 -2.98
N VAL A 60 4.51 -30.72 -2.53
CA VAL A 60 4.90 -31.10 -1.18
C VAL A 60 6.06 -32.09 -1.25
N MET A 61 7.02 -31.93 -0.34
CA MET A 61 8.15 -32.84 -0.26
C MET A 61 7.69 -34.16 0.35
N THR A 62 8.05 -35.27 -0.29
CA THR A 62 7.63 -36.60 0.16
C THR A 62 8.83 -37.52 0.21
N VAL A 63 8.63 -38.67 0.84
CA VAL A 63 9.56 -39.79 0.81
C VAL A 63 8.82 -41.00 0.27
N ARG A 64 9.58 -42.06 -0.02
CA ARG A 64 9.03 -43.32 -0.52
C ARG A 64 8.16 -43.08 -1.77
N GLU A 65 8.74 -42.37 -2.74
CA GLU A 65 8.09 -42.08 -4.02
C GLU A 65 6.67 -41.56 -3.85
N GLY A 66 6.52 -40.55 -3.00
CA GLY A 66 5.25 -39.86 -2.85
C GLY A 66 4.24 -40.52 -1.94
N ALA A 67 4.64 -41.52 -1.17
CA ALA A 67 3.71 -42.25 -0.32
C ALA A 67 3.61 -41.71 1.10
N ALA A 68 4.58 -40.90 1.53
CA ALA A 68 4.60 -40.41 2.91
C ALA A 68 5.29 -39.06 2.95
N LEU A 69 4.95 -38.28 3.97
CA LEU A 69 5.70 -37.07 4.26
C LEU A 69 6.97 -37.42 5.02
N PRO A 70 7.99 -36.57 5.00
CA PRO A 70 9.13 -36.79 5.88
C PRO A 70 8.68 -36.71 7.33
N SER A 71 9.05 -37.71 8.11
CA SER A 71 8.60 -37.78 9.49
C SER A 71 9.60 -38.59 10.30
N GLY A 72 9.47 -38.48 11.63
CA GLY A 72 10.31 -39.19 12.55
C GLY A 72 9.90 -38.98 13.98
N PRO A 73 10.36 -39.87 14.87
CA PRO A 73 9.97 -39.77 16.27
C PRO A 73 10.71 -38.67 17.02
N PHE A 74 10.00 -38.06 17.96
CA PHE A 74 10.64 -37.19 18.94
C PHE A 74 11.48 -38.03 19.89
N GLU A 75 12.76 -37.69 20.01
CA GLU A 75 13.69 -38.45 20.82
C GLU A 75 14.24 -37.59 21.94
N PHE A 76 14.83 -38.26 22.94
CA PHE A 76 15.24 -37.57 24.16
C PHE A 76 16.28 -36.49 23.85
N GLY A 77 17.21 -36.78 22.94
CA GLY A 77 18.26 -35.84 22.59
C GLY A 77 17.84 -34.68 21.72
N HIS A 78 16.56 -34.57 21.36
CA HIS A 78 16.10 -33.44 20.56
C HIS A 78 15.80 -32.27 21.49
N ARG A 79 16.47 -31.14 21.28
CA ARG A 79 16.31 -29.99 22.17
C ARG A 79 14.86 -29.50 22.14
N THR A 80 14.28 -29.34 20.95
CA THR A 80 12.88 -28.98 20.80
C THR A 80 12.22 -29.92 19.81
N LEU A 81 10.90 -29.86 19.74
CA LEU A 81 10.18 -30.59 18.71
C LEU A 81 10.63 -30.17 17.32
N GLN A 82 10.79 -28.87 17.10
CA GLN A 82 11.16 -28.36 15.78
C GLN A 82 12.55 -28.82 15.37
N SER A 83 13.51 -28.81 16.29
CA SER A 83 14.86 -29.23 15.94
C SER A 83 14.93 -30.73 15.68
N GLY A 84 14.07 -31.51 16.33
CA GLY A 84 14.00 -32.92 16.01
C GLY A 84 13.52 -33.17 14.59
N LEU A 85 12.46 -32.47 14.17
CA LEU A 85 11.98 -32.63 12.81
C LEU A 85 13.03 -32.22 11.79
N ARG A 86 13.81 -31.19 12.09
CA ARG A 86 14.86 -30.77 11.17
C ARG A 86 15.89 -31.86 10.95
N GLU A 87 16.18 -32.66 11.99
CA GLU A 87 17.10 -33.77 11.82
C GLU A 87 16.53 -34.84 10.91
N TRP A 88 15.22 -35.09 11.01
CA TRP A 88 14.60 -36.10 10.17
C TRP A 88 14.46 -35.63 8.73
N ILE A 89 14.14 -34.35 8.52
CA ILE A 89 14.07 -33.82 7.16
C ILE A 89 15.44 -33.93 6.49
N HIS A 90 16.51 -33.64 7.23
CA HIS A 90 17.84 -33.70 6.65
C HIS A 90 18.24 -35.13 6.31
N GLU A 91 18.10 -36.06 7.25
CA GLU A 91 18.49 -37.44 7.01
C GLU A 91 17.71 -38.05 5.85
N GLN A 92 16.43 -37.70 5.72
CA GLN A 92 15.56 -38.36 4.75
C GLN A 92 15.53 -37.67 3.39
N THR A 93 15.77 -36.37 3.33
CA THR A 93 15.71 -35.64 2.07
C THR A 93 16.97 -34.88 1.72
N HIS A 94 17.74 -34.43 2.72
CA HIS A 94 18.92 -33.58 2.52
C HIS A 94 18.59 -32.29 1.77
N HIS A 95 17.32 -31.91 1.75
CA HIS A 95 16.88 -30.66 1.13
C HIS A 95 16.91 -29.54 2.15
N PRO A 96 17.50 -28.40 1.84
CA PRO A 96 17.53 -27.29 2.80
C PRO A 96 16.12 -26.85 3.16
N VAL A 97 15.96 -26.41 4.40
CA VAL A 97 14.67 -25.97 4.93
C VAL A 97 14.88 -24.68 5.71
N GLY A 98 14.02 -23.68 5.44
CA GLY A 98 14.09 -22.42 6.14
C GLY A 98 13.26 -22.38 7.41
N TYR A 99 12.34 -21.42 7.50
CA TYR A 99 11.47 -21.33 8.66
C TYR A 99 10.45 -22.47 8.67
N LEU A 100 10.04 -22.83 9.88
CA LEU A 100 8.99 -23.82 10.10
C LEU A 100 8.02 -23.26 11.13
N GLU A 101 6.74 -23.55 10.97
CA GLU A 101 5.75 -23.21 11.98
C GLU A 101 4.94 -24.45 12.32
N GLN A 102 4.62 -24.59 13.60
CA GLN A 102 3.87 -25.76 14.05
C GLN A 102 2.44 -25.69 13.52
N LEU A 103 1.92 -26.86 13.15
CA LEU A 103 0.56 -26.91 12.64
C LEU A 103 -0.43 -27.23 13.74
N TYR A 104 -0.50 -28.51 14.12
CA TYR A 104 -1.50 -29.03 15.05
C TYR A 104 -1.05 -30.42 15.49
N THR A 105 -1.56 -30.85 16.64
CA THR A 105 -1.20 -32.13 17.24
C THR A 105 -2.41 -33.05 17.22
N PHE A 106 -2.26 -34.21 16.56
CA PHE A 106 -3.34 -35.18 16.45
C PHE A 106 -3.03 -36.41 17.28
N ALA A 107 -4.07 -37.01 17.86
CA ALA A 107 -3.94 -38.24 18.63
C ALA A 107 -4.57 -39.41 17.86
N ASP A 108 -4.07 -40.61 18.15
CA ASP A 108 -4.56 -41.81 17.47
C ASP A 108 -6.01 -42.09 17.84
N ARG A 109 -6.77 -42.58 16.85
CA ARG A 109 -8.18 -42.91 17.02
C ARG A 109 -8.99 -41.74 17.60
N ASN A 113 -5.09 -50.65 21.91
CA ASN A 113 -3.70 -50.79 21.53
C ASN A 113 -2.78 -50.36 22.67
N GLU A 114 -2.84 -51.10 23.78
CA GLU A 114 -2.12 -50.74 24.99
C GLU A 114 -0.79 -51.48 25.14
N ILE A 115 -0.42 -52.31 24.16
CA ILE A 115 0.86 -53.00 24.24
C ILE A 115 2.03 -52.05 24.02
N LEU A 116 1.77 -50.85 23.51
CA LEU A 116 2.84 -49.88 23.30
C LEU A 116 3.24 -49.16 24.58
N GLY A 117 2.41 -49.24 25.62
CA GLY A 117 2.69 -48.52 26.85
C GLY A 117 2.33 -47.05 26.82
N GLY A 118 1.72 -46.57 25.75
CA GLY A 118 1.30 -45.18 25.69
C GLY A 118 0.53 -44.92 24.41
N ARG A 119 -0.05 -43.72 24.36
CA ARG A 119 -0.73 -43.27 23.16
C ARG A 119 0.29 -42.84 22.12
N THR A 120 -0.17 -42.65 20.88
CA THR A 120 0.65 -42.07 19.83
C THR A 120 0.01 -40.75 19.41
N ILE A 121 0.85 -39.74 19.21
CA ILE A 121 0.41 -38.42 18.79
C ILE A 121 1.27 -37.99 17.61
N SER A 122 0.69 -37.16 16.74
CA SER A 122 1.36 -36.64 15.55
C SER A 122 1.42 -35.13 15.62
N ILE A 123 2.61 -34.57 15.43
CA ILE A 123 2.84 -33.14 15.45
C ILE A 123 3.33 -32.72 14.07
N GLY A 124 2.55 -31.90 13.38
CA GLY A 124 2.89 -31.43 12.06
C GLY A 124 3.55 -30.05 12.09
N TYR A 125 4.39 -29.80 11.09
CA TYR A 125 5.01 -28.51 10.88
C TYR A 125 4.93 -28.14 9.41
N LEU A 126 4.83 -26.85 9.14
CA LEU A 126 4.72 -26.31 7.79
C LEU A 126 5.96 -25.50 7.46
N GLY A 127 6.59 -25.80 6.32
CA GLY A 127 7.67 -24.99 5.81
C GLY A 127 7.45 -24.64 4.37
N LEU A 128 8.07 -23.53 3.95
CA LEU A 128 8.03 -23.05 2.57
C LEU A 128 9.45 -22.93 2.05
N VAL A 129 9.71 -23.47 0.85
CA VAL A 129 11.05 -23.50 0.28
C VAL A 129 10.95 -23.35 -1.23
N ARG A 130 12.12 -23.20 -1.86
CA ARG A 130 12.26 -23.37 -3.30
C ARG A 130 12.75 -24.78 -3.59
N GLU A 131 12.18 -25.40 -4.61
CA GLU A 131 12.51 -26.78 -4.95
C GLU A 131 13.91 -26.88 -5.55
N GLN A 132 14.62 -27.94 -5.18
CA GLN A 132 15.97 -28.19 -5.67
C GLN A 132 16.06 -29.60 -6.26
N GLU A 133 17.18 -29.87 -6.92
CA GLU A 133 17.44 -31.15 -7.59
C GLU A 133 17.27 -32.34 -6.65
N ALA A 140 14.43 -37.14 -1.42
CA ALA A 140 13.28 -36.25 -1.61
C ALA A 140 12.65 -36.43 -2.98
N PHE A 141 11.33 -36.65 -2.98
CA PHE A 141 10.52 -36.69 -4.19
C PHE A 141 9.39 -35.69 -4.03
N TRP A 142 9.30 -34.74 -4.95
CA TRP A 142 8.27 -33.70 -4.91
C TRP A 142 7.02 -34.14 -5.67
N HIS A 143 5.86 -33.95 -5.05
CA HIS A 143 4.57 -34.25 -5.66
C HIS A 143 3.60 -33.10 -5.45
N GLY A 144 2.64 -32.99 -6.36
CA GLY A 144 1.69 -31.89 -6.28
C GLY A 144 0.67 -32.13 -5.17
N TRP A 145 0.28 -31.03 -4.50
CA TRP A 145 -0.77 -31.07 -3.50
C TRP A 145 -1.99 -31.82 -4.01
N TYR A 146 -2.45 -31.47 -5.21
CA TYR A 146 -3.76 -31.86 -5.71
C TYR A 146 -3.78 -33.26 -6.29
N GLU A 147 -2.62 -33.93 -6.38
CA GLU A 147 -2.61 -35.37 -6.55
C GLU A 147 -3.28 -36.06 -5.36
N TYR A 148 -3.05 -35.53 -4.16
CA TYR A 148 -3.64 -36.05 -2.93
C TYR A 148 -4.99 -35.42 -2.60
N PHE A 149 -5.21 -34.16 -2.96
CA PHE A 149 -6.46 -33.45 -2.69
C PHE A 149 -6.98 -32.83 -3.98
N PRO A 150 -7.43 -33.65 -4.93
CA PRO A 150 -7.89 -33.10 -6.21
C PRO A 150 -9.14 -32.24 -6.11
N TRP A 151 -9.97 -32.43 -5.07
CA TRP A 151 -11.17 -31.63 -4.90
C TRP A 151 -10.88 -30.25 -4.33
N GLU A 152 -9.63 -29.94 -3.98
CA GLU A 152 -9.27 -28.65 -3.42
C GLU A 152 -8.81 -27.63 -4.46
N ASP A 153 -8.66 -28.04 -5.72
CA ASP A 153 -8.18 -27.15 -6.79
C ASP A 153 -9.37 -26.76 -7.66
N HIS A 154 -9.87 -25.54 -7.45
CA HIS A 154 -10.96 -24.99 -8.24
C HIS A 154 -10.49 -23.90 -9.19
N ARG A 155 -9.21 -23.91 -9.58
CA ARG A 155 -8.67 -22.82 -10.40
C ARG A 155 -9.36 -22.76 -11.76
N GLN A 156 -9.70 -23.91 -12.33
CA GLN A 156 -10.40 -23.99 -13.62
C GLN A 156 -11.85 -24.39 -13.44
N GLY A 157 -12.47 -23.95 -12.36
CA GLY A 157 -13.83 -24.31 -12.04
C GLY A 157 -13.90 -25.46 -11.05
N ARG A 158 -15.11 -25.68 -10.55
CA ARG A 158 -15.37 -26.75 -9.59
C ARG A 158 -15.03 -28.10 -10.23
N PRO A 159 -14.16 -28.91 -9.63
CA PRO A 159 -13.75 -30.15 -10.29
C PRO A 159 -14.88 -31.17 -10.33
N ASP A 160 -14.86 -31.99 -11.39
CA ASP A 160 -15.92 -32.97 -11.61
C ASP A 160 -15.93 -34.06 -10.55
N ILE A 161 -14.79 -34.30 -9.87
CA ILE A 161 -14.73 -35.35 -8.86
C ILE A 161 -15.68 -35.05 -7.71
N LEU A 162 -16.01 -33.78 -7.49
CA LEU A 162 -16.90 -33.39 -6.40
C LEU A 162 -18.32 -33.92 -6.60
N ASP A 163 -18.71 -34.24 -7.83
CA ASP A 163 -20.02 -34.85 -8.05
C ASP A 163 -20.09 -36.22 -7.41
N SER A 164 -19.05 -37.03 -7.57
CA SER A 164 -19.05 -38.36 -6.97
C SER A 164 -18.84 -38.28 -5.46
N ILE A 165 -18.04 -37.31 -5.00
CA ILE A 165 -17.78 -37.17 -3.57
C ILE A 165 -19.07 -36.79 -2.83
N ILE A 166 -19.83 -35.84 -3.39
CA ILE A 166 -21.04 -35.40 -2.72
C ILE A 166 -22.10 -36.49 -2.76
N ASP A 167 -22.17 -37.26 -3.83
CA ASP A 167 -23.09 -38.39 -3.88
C ASP A 167 -22.78 -39.39 -2.78
N LYS A 168 -21.52 -39.82 -2.67
CA LYS A 168 -21.13 -40.73 -1.60
C LYS A 168 -21.36 -40.12 -0.23
N LEU A 169 -21.20 -38.79 -0.13
CA LEU A 169 -21.38 -38.13 1.16
C LEU A 169 -22.86 -38.06 1.54
N ARG A 170 -23.75 -37.87 0.55
CA ARG A 170 -25.17 -37.83 0.85
C ARG A 170 -25.70 -39.20 1.25
N ALA A 171 -25.26 -40.26 0.57
CA ALA A 171 -25.70 -41.61 0.91
C ALA A 171 -25.27 -41.99 2.33
N TRP A 172 -24.09 -41.55 2.75
CA TRP A 172 -23.64 -41.80 4.12
C TRP A 172 -24.47 -41.01 5.12
N ALA A 173 -24.77 -39.74 4.80
CA ALA A 173 -25.56 -38.91 5.71
C ALA A 173 -26.98 -39.45 5.87
N ASP A 174 -27.50 -40.15 4.87
CA ASP A 174 -28.84 -40.69 4.91
C ASP A 174 -28.91 -42.10 5.48
N SER A 175 -27.77 -42.75 5.73
CA SER A 175 -27.77 -44.13 6.17
C SER A 175 -28.32 -44.28 7.59
N GLU A 176 -28.13 -43.27 8.42
CA GLU A 176 -28.57 -43.33 9.82
C GLU A 176 -29.49 -42.16 10.12
N PRO A 177 -30.80 -42.38 10.22
CA PRO A 177 -31.72 -41.25 10.37
C PRO A 177 -31.48 -40.40 11.60
N ASP A 178 -31.10 -41.00 12.73
CA ASP A 178 -30.82 -40.22 13.94
C ASP A 178 -29.63 -39.30 13.79
N SER A 179 -28.82 -39.46 12.74
CA SER A 179 -27.68 -38.59 12.49
C SER A 179 -27.80 -37.86 11.17
N ARG A 180 -28.93 -38.03 10.46
CA ARG A 180 -29.08 -37.48 9.12
C ARG A 180 -28.95 -35.95 9.11
N ALA A 181 -29.70 -35.29 10.00
CA ALA A 181 -29.70 -33.82 10.00
C ALA A 181 -28.30 -33.27 10.27
N GLN A 182 -27.65 -33.75 11.34
CA GLN A 182 -26.36 -33.21 11.71
C GLN A 182 -25.30 -33.49 10.66
N ARG A 183 -25.36 -34.66 10.02
CA ARG A 183 -24.38 -35.00 9.00
C ARG A 183 -24.57 -34.16 7.74
N HIS A 184 -25.81 -33.82 7.41
CA HIS A 184 -26.04 -32.97 6.23
C HIS A 184 -25.56 -31.55 6.47
N LEU A 185 -25.79 -31.00 7.67
CA LEU A 185 -25.28 -29.67 7.98
C LEU A 185 -23.77 -29.63 7.87
N ARG A 186 -23.09 -30.67 8.36
CA ARG A 186 -21.63 -30.71 8.27
C ARG A 186 -21.18 -30.88 6.82
N ALA A 187 -21.92 -31.66 6.04
CA ALA A 187 -21.56 -31.84 4.63
C ALA A 187 -21.75 -30.56 3.83
N ASP A 188 -22.87 -29.84 4.07
CA ASP A 188 -23.11 -28.62 3.33
C ASP A 188 -22.12 -27.52 3.74
N PHE A 189 -21.75 -27.48 5.02
CA PHE A 189 -20.82 -26.46 5.49
C PHE A 189 -19.42 -26.70 4.94
N THR A 190 -18.92 -27.94 5.03
CA THR A 190 -17.54 -28.21 4.65
C THR A 190 -17.34 -28.06 3.15
N PHE A 191 -18.25 -28.63 2.35
CA PHE A 191 -18.10 -28.60 0.90
C PHE A 191 -18.84 -27.45 0.24
N GLY A 192 -19.26 -26.46 1.02
CA GLY A 192 -19.75 -25.20 0.48
C GLY A 192 -21.06 -25.28 -0.28
N LEU A 193 -21.95 -26.19 0.10
CA LEU A 193 -23.26 -26.33 -0.53
C LEU A 193 -24.34 -25.56 0.22
N ASP A 194 -23.98 -24.79 1.24
CA ASP A 194 -24.93 -24.14 2.13
C ASP A 194 -25.31 -22.74 1.67
N GLY A 195 -25.02 -22.38 0.42
CA GLY A 195 -25.26 -21.04 -0.07
C GLY A 195 -24.17 -20.04 0.23
N GLY A 196 -23.35 -20.28 1.25
CA GLY A 196 -22.23 -19.41 1.53
C GLY A 196 -21.08 -19.56 0.55
N GLY A 197 -21.06 -20.63 -0.22
CA GLY A 197 -20.05 -20.83 -1.23
C GLY A 197 -18.89 -21.69 -0.77
N TRP A 198 -17.98 -21.94 -1.70
CA TRP A 198 -16.77 -22.69 -1.40
C TRP A 198 -15.86 -21.88 -0.49
N ASN A 199 -15.41 -22.50 0.60
CA ASN A 199 -14.47 -21.90 1.54
C ASN A 199 -13.17 -22.68 1.44
N GLU A 200 -12.14 -22.06 0.84
CA GLU A 200 -10.91 -22.78 0.56
C GLU A 200 -10.10 -23.11 1.81
N GLU A 201 -10.43 -22.52 2.96
CA GLU A 201 -9.68 -22.76 4.19
C GLU A 201 -10.08 -24.05 4.91
N LEU A 202 -11.24 -24.63 4.58
CA LEU A 202 -11.78 -25.75 5.33
C LEU A 202 -11.25 -27.10 4.87
N THR A 203 -10.00 -27.14 4.39
CA THR A 203 -9.43 -28.37 3.84
C THR A 203 -9.43 -29.49 4.88
N LEU A 204 -9.09 -29.17 6.13
CA LEU A 204 -9.01 -30.20 7.16
C LEU A 204 -10.39 -30.68 7.57
N GLN A 205 -11.37 -29.78 7.68
CA GLN A 205 -12.71 -30.20 8.02
C GLN A 205 -13.31 -31.08 6.93
N ARG A 206 -12.96 -30.81 5.67
CA ARG A 206 -13.45 -31.65 4.58
C ARG A 206 -12.82 -33.03 4.62
N TYR A 207 -11.50 -33.11 4.88
CA TYR A 207 -10.85 -34.41 4.91
C TYR A 207 -11.35 -35.25 6.08
N GLU A 208 -11.58 -34.63 7.23
CA GLU A 208 -12.02 -35.38 8.40
C GLU A 208 -13.42 -35.92 8.21
N LEU A 209 -14.28 -35.16 7.53
CA LEU A 209 -15.62 -35.66 7.24
C LEU A 209 -15.58 -36.83 6.26
N LEU A 210 -14.75 -36.72 5.21
CA LEU A 210 -14.59 -37.84 4.30
C LEU A 210 -14.06 -39.06 5.03
N TYR A 211 -13.12 -38.86 5.96
CA TYR A 211 -12.59 -39.97 6.74
C TYR A 211 -13.67 -40.57 7.63
N GLU A 212 -14.41 -39.71 8.33
CA GLU A 212 -15.49 -40.21 9.18
C GLU A 212 -16.54 -40.96 8.37
N ALA A 213 -16.77 -40.55 7.13
CA ALA A 213 -17.70 -41.22 6.23
C ALA A 213 -17.06 -42.37 5.47
N GLY A 214 -15.79 -42.67 5.70
CA GLY A 214 -15.16 -43.80 5.02
C GLY A 214 -15.02 -43.62 3.53
N LEU A 215 -14.73 -42.41 3.08
CA LEU A 215 -14.58 -42.11 1.66
C LEU A 215 -13.13 -41.93 1.25
N VAL A 216 -12.18 -42.08 2.18
CA VAL A 216 -10.76 -42.10 1.86
C VAL A 216 -10.20 -43.45 2.32
N GLY A 217 -9.20 -43.94 1.58
CA GLY A 217 -8.67 -45.26 1.84
C GLY A 217 -8.13 -45.43 3.25
N GLU A 218 -7.66 -44.35 3.87
CA GLU A 218 -7.11 -44.43 5.22
C GLU A 218 -8.16 -44.79 6.26
N ALA A 219 -9.45 -44.66 5.95
CA ALA A 219 -10.48 -45.04 6.90
C ALA A 219 -10.78 -46.54 6.85
N GLN A 220 -10.45 -47.21 5.74
CA GLN A 220 -10.61 -48.65 5.59
C GLN A 220 -12.06 -49.08 5.89
N SER A 221 -12.95 -48.64 5.02
CA SER A 221 -14.38 -48.87 5.18
C SER A 221 -14.73 -50.31 4.80
N GLU A 222 -16.01 -50.66 4.99
CA GLU A 222 -16.43 -52.04 4.73
C GLU A 222 -16.30 -52.40 3.25
N PRO A 223 -16.90 -51.65 2.30
CA PRO A 223 -16.35 -51.67 0.93
C PRO A 223 -15.44 -50.47 0.71
N ARG A 224 -14.25 -50.70 0.18
CA ARG A 224 -13.28 -49.61 0.05
C ARG A 224 -13.79 -48.54 -0.90
N ILE A 225 -13.80 -47.30 -0.42
CA ILE A 225 -14.08 -46.12 -1.23
C ILE A 225 -12.96 -45.12 -0.98
N ASN A 226 -12.39 -44.58 -2.04
CA ASN A 226 -11.29 -43.64 -1.90
C ASN A 226 -11.32 -42.57 -2.98
N PHE A 227 -11.04 -41.34 -2.57
CA PHE A 227 -10.82 -40.23 -3.48
C PHE A 227 -9.43 -39.65 -3.23
N GLY A 228 -8.71 -39.37 -4.30
CA GLY A 228 -7.37 -38.83 -4.19
C GLY A 228 -6.34 -39.88 -3.79
N ARG A 229 -5.08 -39.57 -4.07
CA ARG A 229 -4.00 -40.50 -3.76
C ARG A 229 -3.79 -40.60 -2.25
N PRO A 230 -3.93 -41.78 -1.66
CA PRO A 230 -3.75 -41.92 -0.20
C PRO A 230 -2.29 -41.78 0.19
N MET A 231 -2.07 -41.68 1.50
CA MET A 231 -0.74 -41.57 2.06
C MET A 231 -0.57 -42.53 3.23
N PHE A 232 0.69 -42.73 3.59
CA PHE A 232 1.05 -43.54 4.76
C PHE A 232 0.48 -42.93 6.03
N ALA A 233 -0.02 -43.80 6.91
CA ALA A 233 -0.52 -43.43 8.26
C ALA A 233 -1.55 -42.32 8.14
N ASP A 234 -1.46 -41.25 8.92
CA ASP A 234 -2.40 -40.14 8.86
C ASP A 234 -1.80 -38.92 8.17
N HIS A 235 -0.90 -39.12 7.21
CA HIS A 235 -0.12 -38.00 6.69
C HIS A 235 -0.97 -37.06 5.86
N ARG A 236 -2.01 -37.56 5.19
CA ARG A 236 -2.91 -36.68 4.46
C ARG A 236 -3.67 -35.76 5.42
N ARG A 237 -3.99 -36.24 6.62
CA ARG A 237 -4.58 -35.34 7.62
C ARG A 237 -3.62 -34.21 7.96
N ILE A 238 -2.33 -34.49 8.05
CA ILE A 238 -1.34 -33.44 8.30
C ILE A 238 -1.25 -32.52 7.09
N LEU A 239 -1.15 -33.09 5.89
CA LEU A 239 -1.07 -32.27 4.69
C LEU A 239 -2.29 -31.35 4.56
N ALA A 240 -3.48 -31.87 4.83
CA ALA A 240 -4.67 -31.03 4.81
C ALA A 240 -4.56 -29.90 5.83
N THR A 241 -3.94 -30.15 6.97
CA THR A 241 -3.75 -29.09 7.95
C THR A 241 -2.79 -28.02 7.43
N GLY A 242 -1.73 -28.44 6.74
CA GLY A 242 -0.78 -27.48 6.20
C GLY A 242 -1.37 -26.63 5.09
N ILE A 243 -2.16 -27.24 4.20
CA ILE A 243 -2.83 -26.50 3.14
C ILE A 243 -3.77 -25.47 3.74
N ALA A 244 -4.58 -25.88 4.72
CA ALA A 244 -5.52 -24.95 5.34
C ALA A 244 -4.79 -23.80 6.03
N ARG A 245 -3.69 -24.10 6.74
CA ARG A 245 -2.93 -23.05 7.42
C ARG A 245 -2.34 -22.07 6.41
N LEU A 246 -1.77 -22.59 5.33
CA LEU A 246 -1.17 -21.72 4.32
C LEU A 246 -2.21 -20.86 3.63
N ARG A 247 -3.40 -21.41 3.37
CA ARG A 247 -4.43 -20.63 2.72
C ARG A 247 -4.95 -19.52 3.64
N ALA A 248 -5.03 -19.78 4.94
CA ALA A 248 -5.43 -18.73 5.87
C ALA A 248 -4.39 -17.61 5.94
N LYS A 249 -3.11 -17.95 5.74
CA LYS A 249 -2.05 -16.94 5.74
C LYS A 249 -2.19 -16.00 4.54
N ILE A 250 -2.25 -16.56 3.34
CA ILE A 250 -2.20 -15.75 2.13
C ILE A 250 -3.45 -14.89 1.98
N LYS A 251 -4.60 -15.37 2.47
CA LYS A 251 -5.80 -14.55 2.37
C LYS A 251 -5.67 -13.27 3.19
N TYR A 252 -4.95 -13.35 4.31
CA TYR A 252 -4.79 -12.22 5.22
C TYR A 252 -3.55 -11.39 4.91
N ARG A 253 -2.42 -12.04 4.63
CA ARG A 253 -1.16 -11.35 4.43
C ARG A 253 -0.18 -12.28 3.72
N PRO A 254 -0.13 -12.26 2.38
CA PRO A 254 0.66 -13.26 1.65
C PRO A 254 2.17 -13.08 1.75
N VAL A 255 2.74 -13.43 2.90
CA VAL A 255 4.19 -13.33 3.11
C VAL A 255 4.76 -14.68 2.66
N VAL A 256 5.04 -14.78 1.37
CA VAL A 256 5.53 -16.04 0.81
C VAL A 256 6.86 -15.84 0.10
N PHE A 257 7.74 -15.02 0.68
CA PHE A 257 9.04 -14.77 0.04
C PHE A 257 9.87 -16.05 -0.08
N GLU A 258 9.65 -17.03 0.80
CA GLU A 258 10.39 -18.27 0.71
C GLU A 258 9.97 -19.13 -0.47
N LEU A 259 8.79 -18.88 -1.05
CA LEU A 259 8.35 -19.62 -2.23
C LEU A 259 8.76 -18.96 -3.53
N MET A 260 8.97 -17.64 -3.52
CA MET A 260 9.34 -16.91 -4.73
C MET A 260 10.86 -16.83 -4.86
N ALA A 261 11.31 -16.58 -6.10
CA ALA A 261 12.68 -16.21 -6.31
C ALA A 261 12.98 -14.87 -5.65
N ASP A 262 14.26 -14.48 -5.67
CA ASP A 262 14.65 -13.22 -5.05
C ASP A 262 13.96 -12.03 -5.70
N SER A 263 13.69 -12.11 -7.01
CA SER A 263 12.93 -11.09 -7.71
C SER A 263 11.89 -11.78 -8.60
N PHE A 264 10.73 -11.14 -8.73
CA PHE A 264 9.59 -11.74 -9.41
C PHE A 264 8.69 -10.64 -9.94
N THR A 265 7.84 -11.01 -10.89
CA THR A 265 6.82 -10.09 -11.38
C THR A 265 5.54 -10.21 -10.55
N LEU A 266 4.68 -9.20 -10.66
CA LEU A 266 3.41 -9.25 -9.96
C LEU A 266 2.54 -10.38 -10.49
N LEU A 267 2.64 -10.69 -11.78
CA LEU A 267 1.89 -11.82 -12.33
C LEU A 267 2.39 -13.14 -11.79
N GLN A 268 3.71 -13.29 -11.63
CA GLN A 268 4.24 -14.51 -11.03
C GLN A 268 3.77 -14.68 -9.59
N LEU A 269 3.73 -13.57 -8.84
CA LEU A 269 3.25 -13.64 -7.47
C LEU A 269 1.76 -14.01 -7.42
N GLN A 270 0.96 -13.43 -8.31
CA GLN A 270 -0.46 -13.77 -8.36
C GLN A 270 -0.66 -15.24 -8.69
N ARG A 271 0.09 -15.76 -9.65
CA ARG A 271 -0.04 -17.17 -10.01
C ARG A 271 0.37 -18.09 -8.86
N ALA A 272 1.33 -17.67 -8.04
CA ALA A 272 1.73 -18.48 -6.90
C ALA A 272 0.63 -18.53 -5.85
N ILE A 273 0.04 -17.36 -5.53
CA ILE A 273 -1.05 -17.33 -4.55
C ILE A 273 -2.23 -18.14 -5.06
N GLU A 274 -2.54 -18.03 -6.35
CA GLU A 274 -3.67 -18.79 -6.91
C GLU A 274 -3.43 -20.29 -6.78
N ALA A 275 -2.18 -20.73 -6.95
CA ALA A 275 -1.87 -22.15 -6.84
C ALA A 275 -2.08 -22.65 -5.41
N LEU A 276 -1.66 -21.87 -4.42
CA LEU A 276 -1.88 -22.23 -3.03
C LEU A 276 -3.37 -22.24 -2.68
N ALA A 277 -4.11 -21.23 -3.14
CA ALA A 277 -5.52 -21.13 -2.78
C ALA A 277 -6.38 -22.14 -3.52
N GLY A 278 -5.93 -22.62 -4.68
CA GLY A 278 -6.80 -23.39 -5.53
C GLY A 278 -7.88 -22.58 -6.20
N LEU A 279 -7.77 -21.26 -6.18
CA LEU A 279 -8.76 -20.35 -6.74
C LEU A 279 -8.05 -19.31 -7.59
N THR A 280 -8.77 -18.77 -8.57
CA THR A 280 -8.25 -17.63 -9.32
C THR A 280 -8.47 -16.35 -8.54
N LEU A 281 -7.47 -15.48 -8.54
CA LEU A 281 -7.52 -14.25 -7.79
C LEU A 281 -8.22 -13.15 -8.57
N HIS A 282 -8.84 -12.24 -7.83
CA HIS A 282 -9.29 -10.96 -8.36
C HIS A 282 -8.05 -10.08 -8.50
N LYS A 283 -7.66 -9.79 -9.74
CA LYS A 283 -6.37 -9.15 -9.99
C LYS A 283 -6.26 -7.82 -9.26
N GLN A 284 -7.28 -6.96 -9.39
CA GLN A 284 -7.19 -5.63 -8.81
C GLN A 284 -7.22 -5.67 -7.29
N ASN A 285 -8.08 -6.50 -6.71
CA ASN A 285 -8.12 -6.64 -5.26
C ASN A 285 -6.80 -7.19 -4.73
N PHE A 286 -6.22 -8.16 -5.45
CA PHE A 286 -4.94 -8.73 -5.02
C PHE A 286 -3.85 -7.67 -5.01
N ARG A 287 -3.70 -6.94 -6.12
CA ARG A 287 -2.67 -5.91 -6.17
C ARG A 287 -2.95 -4.79 -5.19
N ARG A 288 -4.22 -4.51 -4.92
CA ARG A 288 -4.57 -3.56 -3.87
C ARG A 288 -4.15 -4.09 -2.50
N LEU A 289 -4.29 -5.40 -2.28
CA LEU A 289 -3.96 -5.99 -0.98
C LEU A 289 -2.49 -5.83 -0.65
N ILE A 290 -1.61 -6.29 -1.55
CA ILE A 290 -0.18 -6.31 -1.26
C ILE A 290 0.40 -4.90 -1.19
N GLU A 291 -0.25 -3.91 -1.81
CA GLU A 291 0.20 -2.53 -1.67
C GLU A 291 -0.18 -1.96 -0.32
N GLN A 292 -1.42 -2.19 0.13
CA GLN A 292 -1.83 -1.71 1.44
C GLN A 292 -1.07 -2.39 2.56
N GLN A 293 -0.66 -3.65 2.37
CA GLN A 293 0.19 -4.34 3.31
C GLN A 293 1.65 -3.91 3.22
N GLN A 294 2.03 -3.19 2.16
CA GLN A 294 3.41 -2.77 1.93
C GLN A 294 4.38 -3.95 2.00
N LEU A 295 4.08 -4.99 1.21
CA LEU A 295 4.86 -6.22 1.25
C LEU A 295 6.01 -6.24 0.26
N VAL A 296 5.88 -5.58 -0.88
CA VAL A 296 6.85 -5.69 -1.96
C VAL A 296 7.35 -4.31 -2.33
N GLU A 297 8.39 -4.28 -3.16
CA GLU A 297 8.97 -3.05 -3.67
C GLU A 297 9.63 -3.35 -5.00
N GLU A 298 9.70 -2.34 -5.85
CA GLU A 298 10.35 -2.50 -7.14
C GLU A 298 11.85 -2.67 -6.95
N THR A 299 12.43 -3.66 -7.64
CA THR A 299 13.87 -3.83 -7.60
C THR A 299 14.60 -2.86 -8.51
N GLY A 300 13.90 -2.27 -9.48
CA GLY A 300 14.52 -1.43 -10.49
C GLY A 300 14.80 -2.13 -11.80
N ASP A 301 14.77 -3.46 -11.82
CA ASP A 301 15.03 -4.23 -13.02
C ASP A 301 13.72 -4.62 -13.70
N MET A 302 13.84 -5.03 -14.96
CA MET A 302 12.70 -5.43 -15.78
C MET A 302 12.86 -6.87 -16.21
N ALA A 303 11.72 -7.54 -16.38
CA ALA A 303 11.66 -8.87 -16.97
C ALA A 303 10.85 -8.80 -18.26
N THR A 304 11.07 -9.78 -19.13
CA THR A 304 10.39 -9.86 -20.41
C THR A 304 9.54 -11.13 -20.39
N GLU A 305 8.23 -10.96 -20.21
CA GLU A 305 7.33 -12.10 -20.19
C GLU A 305 7.37 -12.81 -21.55
N THR A 306 6.83 -14.04 -21.57
CA THR A 306 7.05 -14.94 -22.68
C THR A 306 6.61 -14.33 -24.01
N GLY A 307 5.53 -13.55 -24.01
CA GLY A 307 5.09 -12.90 -25.23
C GLY A 307 5.90 -11.69 -25.65
N GLY A 308 6.85 -11.26 -24.82
CA GLY A 308 7.64 -10.08 -25.09
C GLY A 308 7.27 -8.87 -24.26
N ARG A 309 6.22 -8.96 -23.45
CA ARG A 309 5.75 -7.80 -22.69
C ARG A 309 6.68 -7.52 -21.52
N PRO A 310 7.25 -6.32 -21.43
CA PRO A 310 8.05 -5.98 -20.24
C PRO A 310 7.18 -5.86 -19.00
N ALA A 311 7.75 -6.27 -17.87
CA ALA A 311 7.10 -6.13 -16.58
C ALA A 311 8.16 -5.83 -15.53
N LYS A 312 7.78 -5.02 -14.54
CA LYS A 312 8.72 -4.69 -13.48
C LYS A 312 8.94 -5.89 -12.56
N LEU A 313 10.18 -6.07 -12.14
CA LEU A 313 10.50 -7.06 -11.13
C LEU A 313 10.26 -6.48 -9.74
N PHE A 314 9.82 -7.33 -8.82
CA PHE A 314 9.56 -6.93 -7.46
C PHE A 314 10.28 -7.89 -6.51
N ARG A 315 10.43 -7.44 -5.26
CA ARG A 315 10.96 -8.27 -4.21
C ARG A 315 10.17 -7.98 -2.94
N PHE A 316 10.15 -8.95 -2.03
CA PHE A 316 9.59 -8.69 -0.71
C PHE A 316 10.52 -7.74 0.05
N ARG A 317 9.93 -6.76 0.71
CA ARG A 317 10.72 -5.76 1.41
C ARG A 317 11.56 -6.40 2.52
N GLN A 318 12.68 -5.77 2.84
CA GLN A 318 13.56 -6.28 3.88
C GLN A 318 12.87 -6.30 5.24
N THR A 319 12.02 -5.31 5.51
CA THR A 319 11.30 -5.30 6.78
C THR A 319 10.46 -6.56 6.93
N VAL A 320 9.80 -6.98 5.85
CA VAL A 320 9.03 -8.23 5.89
C VAL A 320 9.93 -9.41 6.23
N LEU A 321 11.10 -9.48 5.61
CA LEU A 321 12.07 -10.52 5.94
C LEU A 321 12.52 -10.39 7.39
N ASP A 322 12.69 -9.15 7.88
CA ASP A 322 13.18 -8.95 9.24
C ASP A 322 12.14 -9.35 10.27
N GLU A 323 10.87 -9.00 10.03
CA GLU A 323 9.81 -9.36 10.98
C GLU A 323 9.73 -10.86 11.17
N ARG A 324 9.72 -11.62 10.08
CA ARG A 324 9.65 -13.07 10.17
C ARG A 324 10.83 -13.64 10.95
N ALA A 325 12.00 -13.01 10.83
CA ALA A 325 13.18 -13.49 11.54
C ALA A 325 13.04 -13.24 13.04
N LEU A 326 12.58 -12.06 13.43
CA LEU A 326 12.44 -11.68 14.83
C LEU A 326 11.17 -12.22 15.48
N SER A 327 10.54 -13.24 14.92
CA SER A 327 9.32 -13.81 15.48
C SER A 327 9.56 -15.21 16.03
N VAL B 37 12.08 -53.32 17.29
CA VAL B 37 11.67 -51.92 17.25
C VAL B 37 11.66 -51.29 18.64
N THR B 38 12.37 -50.18 18.77
CA THR B 38 12.44 -49.42 20.02
C THR B 38 11.60 -48.16 19.88
N ILE B 39 10.69 -47.94 20.83
CA ILE B 39 9.76 -46.83 20.79
C ILE B 39 10.07 -45.89 21.95
N GLY B 40 10.32 -44.62 21.63
CA GLY B 40 10.53 -43.63 22.66
C GLY B 40 9.21 -43.07 23.17
N LEU B 41 9.11 -42.96 24.49
CA LEU B 41 7.92 -42.46 25.15
C LEU B 41 8.25 -41.20 25.95
N ALA B 42 7.24 -40.35 26.14
CA ALA B 42 7.40 -39.13 26.90
C ALA B 42 6.09 -38.83 27.61
N HIS B 43 6.17 -38.02 28.66
CA HIS B 43 4.95 -37.60 29.36
C HIS B 43 4.14 -36.68 28.47
N ALA B 44 2.84 -36.97 28.34
CA ALA B 44 1.92 -36.16 27.55
C ALA B 44 0.96 -35.45 28.51
N GLU B 45 1.10 -34.13 28.62
CA GLU B 45 0.28 -33.31 29.50
C GLU B 45 -0.68 -32.45 28.69
N LEU B 46 -1.94 -32.43 29.10
CA LEU B 46 -2.96 -31.55 28.54
C LEU B 46 -3.15 -30.38 29.49
N ILE B 47 -3.14 -29.16 28.95
CA ILE B 47 -3.15 -27.95 29.77
C ILE B 47 -4.21 -27.00 29.23
N ALA B 48 -5.04 -26.48 30.13
CA ALA B 48 -6.20 -25.69 29.76
C ALA B 48 -5.99 -24.22 30.10
N VAL B 49 -6.20 -23.36 29.10
CA VAL B 49 -6.26 -21.92 29.32
C VAL B 49 -7.70 -21.48 29.09
N VAL B 50 -8.48 -21.43 30.16
CA VAL B 50 -9.88 -21.04 30.11
C VAL B 50 -10.01 -19.62 30.64
N THR B 51 -10.46 -18.71 29.78
CA THR B 51 -10.47 -17.28 30.07
C THR B 51 -11.90 -16.78 30.24
N ALA B 52 -12.10 -15.92 31.23
CA ALA B 52 -13.34 -15.19 31.41
C ALA B 52 -13.04 -13.71 31.60
N ILE B 53 -14.07 -12.88 31.43
CA ILE B 53 -13.95 -11.44 31.64
C ILE B 53 -14.97 -11.05 32.70
N THR B 54 -14.48 -10.59 33.85
CA THR B 54 -15.33 -10.10 34.93
C THR B 54 -14.82 -8.73 35.36
N THR B 55 -15.73 -7.76 35.39
CA THR B 55 -15.41 -6.37 35.73
C THR B 55 -14.31 -5.82 34.81
N ASP B 56 -14.42 -6.13 33.52
CA ASP B 56 -13.46 -5.68 32.51
C ASP B 56 -12.03 -6.05 32.89
N GLU B 57 -11.87 -7.25 33.43
CA GLU B 57 -10.54 -7.80 33.75
C GLU B 57 -10.48 -9.23 33.19
N PRO B 58 -9.51 -9.54 32.34
CA PRO B 58 -9.38 -10.92 31.84
C PRO B 58 -8.87 -11.84 32.94
N ARG B 59 -9.69 -12.82 33.30
CA ARG B 59 -9.36 -13.81 34.31
C ARG B 59 -9.06 -15.14 33.65
N VAL B 60 -8.22 -15.95 34.30
CA VAL B 60 -7.85 -17.26 33.79
C VAL B 60 -8.06 -18.28 34.90
N MET B 61 -8.74 -19.37 34.56
CA MET B 61 -8.93 -20.48 35.48
C MET B 61 -7.57 -21.05 35.90
N THR B 62 -7.36 -21.16 37.21
CA THR B 62 -6.13 -21.68 37.78
C THR B 62 -6.45 -22.70 38.86
N VAL B 63 -5.42 -23.40 39.33
CA VAL B 63 -5.51 -24.33 40.45
C VAL B 63 -4.31 -24.08 41.37
N ARG B 64 -4.34 -24.74 42.53
CA ARG B 64 -3.26 -24.66 43.52
C ARG B 64 -2.99 -23.21 43.92
N GLU B 65 -4.07 -22.53 44.33
CA GLU B 65 -4.00 -21.14 44.79
C GLU B 65 -3.38 -20.22 43.74
N GLY B 66 -3.69 -20.51 42.48
CA GLY B 66 -3.21 -19.70 41.38
C GLY B 66 -1.81 -20.02 40.90
N ALA B 67 -1.21 -21.11 41.37
CA ALA B 67 0.16 -21.42 40.95
C ALA B 67 0.24 -22.17 39.63
N ALA B 68 -0.88 -22.66 39.10
CA ALA B 68 -0.82 -23.50 37.92
C ALA B 68 -2.16 -23.47 37.19
N LEU B 69 -2.11 -23.79 35.91
CA LEU B 69 -3.31 -23.98 35.11
C LEU B 69 -3.87 -25.38 35.36
N PRO B 70 -5.16 -25.58 35.11
CA PRO B 70 -5.70 -26.94 35.16
C PRO B 70 -4.98 -27.81 34.12
N SER B 71 -4.52 -28.98 34.57
CA SER B 71 -3.76 -29.84 33.68
C SER B 71 -3.91 -31.29 34.14
N GLY B 72 -3.48 -32.20 33.27
CA GLY B 72 -3.52 -33.61 33.54
C GLY B 72 -2.94 -34.41 32.40
N PRO B 73 -2.54 -35.65 32.66
CA PRO B 73 -1.95 -36.48 31.61
C PRO B 73 -2.99 -36.92 30.58
N PHE B 74 -2.48 -37.24 29.39
CA PHE B 74 -3.27 -37.84 28.34
C PHE B 74 -3.23 -39.35 28.51
N GLU B 75 -4.38 -39.96 28.78
CA GLU B 75 -4.48 -41.35 29.19
C GLU B 75 -5.13 -42.22 28.12
N PHE B 76 -4.99 -43.53 28.29
CA PHE B 76 -5.57 -44.49 27.35
C PHE B 76 -7.08 -44.35 27.25
N GLY B 77 -7.74 -44.06 28.38
CA GLY B 77 -9.19 -44.02 28.39
C GLY B 77 -9.78 -42.82 27.68
N HIS B 78 -8.98 -41.79 27.42
CA HIS B 78 -9.49 -40.58 26.80
C HIS B 78 -9.70 -40.81 25.31
N ARG B 79 -10.93 -40.55 24.83
CA ARG B 79 -11.24 -40.66 23.41
C ARG B 79 -10.34 -39.73 22.59
N THR B 80 -10.35 -38.44 22.93
CA THR B 80 -9.59 -37.42 22.23
C THR B 80 -8.74 -36.64 23.23
N LEU B 81 -7.84 -35.82 22.69
CA LEU B 81 -7.10 -34.89 23.54
C LEU B 81 -8.05 -33.93 24.25
N GLN B 82 -9.02 -33.39 23.51
CA GLN B 82 -9.98 -32.45 24.09
C GLN B 82 -10.77 -33.09 25.21
N SER B 83 -11.32 -34.28 24.97
CA SER B 83 -12.16 -34.92 25.98
C SER B 83 -11.36 -35.29 27.22
N GLY B 84 -10.08 -35.61 27.06
CA GLY B 84 -9.24 -35.86 28.22
C GLY B 84 -9.02 -34.60 29.04
N LEU B 85 -8.83 -33.46 28.38
CA LEU B 85 -8.62 -32.22 29.10
C LEU B 85 -9.90 -31.78 29.81
N ARG B 86 -11.06 -31.99 29.17
CA ARG B 86 -12.34 -31.65 29.80
C ARG B 86 -12.55 -32.46 31.08
N GLU B 87 -12.00 -33.67 31.14
CA GLU B 87 -12.08 -34.46 32.36
C GLU B 87 -11.27 -33.81 33.47
N TRP B 88 -10.08 -33.28 33.16
CA TRP B 88 -9.27 -32.64 34.18
C TRP B 88 -9.83 -31.29 34.59
N ILE B 89 -10.39 -30.53 33.64
CA ILE B 89 -11.04 -29.28 34.00
C ILE B 89 -12.18 -29.53 34.99
N HIS B 90 -12.99 -30.57 34.74
CA HIS B 90 -14.13 -30.85 35.60
C HIS B 90 -13.67 -31.27 36.99
N GLU B 91 -12.73 -32.22 37.08
CA GLU B 91 -12.28 -32.71 38.37
C GLU B 91 -11.64 -31.62 39.21
N GLN B 92 -10.99 -30.65 38.56
CA GLN B 92 -10.17 -29.67 39.28
C GLN B 92 -10.86 -28.33 39.47
N THR B 93 -11.95 -28.06 38.75
CA THR B 93 -12.61 -26.75 38.89
C THR B 93 -14.11 -26.91 39.06
N HIS B 94 -14.66 -27.99 38.53
CA HIS B 94 -16.10 -28.21 38.47
C HIS B 94 -16.83 -27.07 37.77
N HIS B 95 -16.12 -26.31 36.94
CA HIS B 95 -16.69 -25.19 36.20
C HIS B 95 -16.98 -25.61 34.77
N PRO B 96 -18.15 -25.26 34.23
CA PRO B 96 -18.47 -25.65 32.85
C PRO B 96 -17.53 -24.98 31.85
N VAL B 97 -17.33 -25.65 30.72
CA VAL B 97 -16.47 -25.16 29.64
C VAL B 97 -17.17 -25.40 28.31
N GLY B 98 -17.17 -24.39 27.45
CA GLY B 98 -17.79 -24.51 26.14
C GLY B 98 -16.88 -25.07 25.08
N TYR B 99 -16.67 -24.32 24.00
CA TYR B 99 -15.77 -24.75 22.95
C TYR B 99 -14.32 -24.61 23.39
N LEU B 100 -13.49 -25.54 22.93
CA LEU B 100 -12.05 -25.53 23.13
C LEU B 100 -11.35 -25.54 21.79
N GLU B 101 -10.20 -24.88 21.72
CA GLU B 101 -9.36 -24.91 20.53
C GLU B 101 -7.91 -25.10 20.92
N GLN B 102 -7.24 -26.00 20.21
CA GLN B 102 -5.86 -26.33 20.53
C GLN B 102 -4.94 -25.15 20.27
N LEU B 103 -4.00 -24.92 21.19
CA LEU B 103 -3.11 -23.77 21.13
C LEU B 103 -1.79 -24.09 20.46
N TYR B 104 -0.95 -24.84 21.17
CA TYR B 104 0.42 -25.08 20.76
C TYR B 104 0.95 -26.24 21.58
N THR B 105 1.92 -26.95 21.03
CA THR B 105 2.52 -28.11 21.68
C THR B 105 3.99 -27.83 21.93
N PHE B 106 4.43 -28.02 23.17
CA PHE B 106 5.78 -27.68 23.61
C PHE B 106 6.49 -28.90 24.18
N ALA B 107 7.76 -29.07 23.84
CA ALA B 107 8.61 -29.95 24.62
C ALA B 107 9.17 -29.21 25.82
N ASP B 108 9.43 -29.94 26.90
CA ASP B 108 9.89 -29.33 28.13
C ASP B 108 11.27 -28.71 27.95
N ARG B 109 11.60 -27.80 28.86
CA ARG B 109 12.90 -27.13 28.90
C ARG B 109 13.61 -27.41 30.22
N ASP B 110 13.47 -28.64 30.72
CA ASP B 110 14.19 -29.07 31.91
C ASP B 110 15.63 -29.42 31.56
N ARG B 111 16.42 -29.76 32.57
CA ARG B 111 17.83 -30.12 32.37
C ARG B 111 18.41 -30.84 33.58
N GLY B 118 12.91 -38.01 32.18
CA GLY B 118 12.44 -38.13 30.82
C GLY B 118 11.93 -36.82 30.27
N ARG B 119 11.46 -36.82 29.03
CA ARG B 119 10.92 -35.61 28.41
C ARG B 119 9.42 -35.50 28.66
N THR B 120 8.92 -34.27 28.53
CA THR B 120 7.51 -33.97 28.71
C THR B 120 7.02 -33.14 27.54
N ILE B 121 5.89 -33.53 26.96
CA ILE B 121 5.25 -32.82 25.87
C ILE B 121 3.93 -32.25 26.38
N SER B 122 3.77 -30.94 26.28
CA SER B 122 2.60 -30.24 26.81
C SER B 122 1.75 -29.71 25.66
N ILE B 123 0.44 -30.00 25.72
CA ILE B 123 -0.51 -29.58 24.70
C ILE B 123 -1.52 -28.64 25.36
N GLY B 124 -1.57 -27.41 24.87
CA GLY B 124 -2.44 -26.40 25.45
C GLY B 124 -3.73 -26.23 24.66
N TYR B 125 -4.79 -25.85 25.37
CA TYR B 125 -6.08 -25.55 24.76
C TYR B 125 -6.62 -24.23 25.30
N LEU B 126 -7.37 -23.54 24.45
CA LEU B 126 -7.98 -22.26 24.78
C LEU B 126 -9.49 -22.41 24.82
N GLY B 127 -10.12 -21.85 25.83
CA GLY B 127 -11.56 -21.82 25.92
C GLY B 127 -12.05 -20.52 26.51
N LEU B 128 -13.22 -20.07 26.07
CA LEU B 128 -13.83 -18.84 26.56
C LEU B 128 -15.14 -19.18 27.26
N VAL B 129 -15.33 -18.62 28.46
CA VAL B 129 -16.52 -18.88 29.27
C VAL B 129 -16.98 -17.60 29.96
N ARG B 130 -18.14 -17.70 30.58
CA ARG B 130 -18.60 -16.73 31.57
C ARG B 130 -18.51 -17.37 32.95
N GLU B 131 -18.00 -16.62 33.92
CA GLU B 131 -17.77 -17.16 35.24
C GLU B 131 -19.09 -17.52 35.92
N GLN B 132 -19.13 -18.69 36.56
CA GLN B 132 -20.31 -19.22 37.22
C GLN B 132 -20.09 -19.22 38.74
N GLU B 133 -21.20 -19.45 39.46
CA GLU B 133 -21.20 -19.61 40.91
C GLU B 133 -20.39 -18.53 41.64
N TRP B 142 -10.13 -18.03 40.12
CA TRP B 142 -9.97 -17.02 39.07
C TRP B 142 -8.95 -15.97 39.49
N HIS B 143 -7.81 -15.97 38.80
CA HIS B 143 -6.83 -14.89 38.85
C HIS B 143 -6.76 -14.20 37.50
N GLY B 144 -6.26 -12.96 37.51
CA GLY B 144 -6.20 -12.20 36.28
C GLY B 144 -4.95 -12.50 35.47
N TRP B 145 -5.09 -12.35 34.14
CA TRP B 145 -3.94 -12.48 33.23
C TRP B 145 -2.76 -11.65 33.72
N TYR B 146 -3.01 -10.39 34.03
CA TYR B 146 -1.94 -9.42 34.24
C TYR B 146 -1.28 -9.55 35.60
N GLU B 147 -1.81 -10.42 36.48
CA GLU B 147 -1.03 -10.85 37.63
C GLU B 147 0.22 -11.62 37.18
N TYR B 148 0.08 -12.41 36.13
CA TYR B 148 1.19 -13.17 35.57
C TYR B 148 1.95 -12.39 34.50
N PHE B 149 1.26 -11.53 33.76
CA PHE B 149 1.86 -10.72 32.70
C PHE B 149 1.52 -9.25 32.92
N PRO B 150 2.08 -8.62 33.96
CA PRO B 150 1.73 -7.21 34.22
C PRO B 150 2.20 -6.25 33.15
N TRP B 151 3.28 -6.58 32.45
CA TRP B 151 3.79 -5.73 31.38
C TRP B 151 2.96 -5.83 30.10
N GLU B 152 1.88 -6.62 30.08
CA GLU B 152 1.06 -6.76 28.89
C GLU B 152 -0.20 -5.89 28.90
N ASP B 153 -0.48 -5.19 29.99
CA ASP B 153 -1.67 -4.34 30.09
C ASP B 153 -1.24 -2.89 29.90
N HIS B 154 -1.55 -2.34 28.73
CA HIS B 154 -1.22 -0.96 28.41
C HIS B 154 -2.47 -0.09 28.31
N ARG B 155 -3.57 -0.49 28.97
CA ARG B 155 -4.79 0.30 28.91
C ARG B 155 -4.61 1.69 29.49
N GLN B 156 -3.72 1.83 30.47
CA GLN B 156 -3.44 3.14 31.05
C GLN B 156 -2.00 3.55 30.74
N GLY B 157 -1.62 3.48 29.47
CA GLY B 157 -0.26 3.79 29.07
C GLY B 157 0.70 2.65 29.36
N ARG B 158 1.94 2.84 28.93
CA ARG B 158 2.98 1.86 29.21
C ARG B 158 3.17 1.72 30.71
N PRO B 159 3.09 0.52 31.27
CA PRO B 159 3.34 0.36 32.70
C PRO B 159 4.80 0.65 33.04
N ASP B 160 5.00 1.22 34.23
CA ASP B 160 6.33 1.60 34.67
C ASP B 160 7.25 0.39 34.86
N ILE B 161 6.68 -0.80 35.07
CA ILE B 161 7.48 -2.00 35.19
C ILE B 161 8.32 -2.25 33.94
N LEU B 162 7.90 -1.69 32.80
CA LEU B 162 8.65 -1.90 31.56
C LEU B 162 10.00 -1.19 31.61
N ASP B 163 10.12 -0.10 32.37
CA ASP B 163 11.40 0.57 32.52
C ASP B 163 12.43 -0.36 33.16
N SER B 164 12.03 -1.09 34.20
CA SER B 164 12.91 -2.06 34.81
C SER B 164 13.18 -3.22 33.87
N ILE B 165 12.16 -3.68 33.13
CA ILE B 165 12.32 -4.80 32.22
C ILE B 165 13.29 -4.44 31.10
N ILE B 166 13.09 -3.26 30.50
CA ILE B 166 13.92 -2.87 29.35
C ILE B 166 15.38 -2.69 29.78
N ASP B 167 15.62 -2.14 30.97
CA ASP B 167 16.98 -1.93 31.43
C ASP B 167 17.71 -3.26 31.59
N LYS B 168 17.13 -4.18 32.37
CA LYS B 168 17.74 -5.50 32.51
C LYS B 168 17.86 -6.22 31.18
N LEU B 169 16.94 -5.94 30.25
CA LEU B 169 16.99 -6.58 28.94
C LEU B 169 18.16 -6.06 28.12
N ARG B 170 18.45 -4.77 28.21
CA ARG B 170 19.55 -4.20 27.45
C ARG B 170 20.90 -4.51 28.09
N ALA B 171 20.94 -4.64 29.42
CA ALA B 171 22.15 -5.14 30.07
C ALA B 171 22.50 -6.54 29.54
N TRP B 172 21.50 -7.40 29.39
CA TRP B 172 21.73 -8.73 28.82
C TRP B 172 22.16 -8.63 27.36
N ALA B 173 21.51 -7.74 26.59
CA ALA B 173 21.86 -7.58 25.19
C ALA B 173 23.28 -7.09 25.01
N ASP B 174 23.78 -6.27 25.94
CA ASP B 174 25.13 -5.72 25.89
C ASP B 174 26.18 -6.65 26.46
N SER B 175 25.80 -7.83 26.96
CA SER B 175 26.73 -8.65 27.73
C SER B 175 27.71 -9.41 26.85
N GLU B 176 27.32 -9.76 25.62
CA GLU B 176 28.21 -10.46 24.68
C GLU B 176 28.22 -9.68 23.38
N PRO B 177 29.39 -9.22 22.91
CA PRO B 177 29.40 -8.28 21.78
C PRO B 177 29.00 -8.90 20.45
N ASP B 178 29.29 -10.18 20.22
CA ASP B 178 29.03 -10.77 18.92
C ASP B 178 27.54 -10.98 18.66
N SER B 179 26.73 -11.05 19.72
CA SER B 179 25.29 -11.21 19.57
C SER B 179 24.53 -10.00 20.10
N ARG B 180 25.21 -8.87 20.29
CA ARG B 180 24.55 -7.69 20.83
C ARG B 180 23.55 -7.12 19.83
N ALA B 181 23.93 -7.03 18.56
CA ALA B 181 23.06 -6.38 17.57
C ALA B 181 21.77 -7.16 17.38
N GLN B 182 21.88 -8.49 17.30
CA GLN B 182 20.67 -9.31 17.13
C GLN B 182 19.78 -9.25 18.38
N ARG B 183 20.38 -9.26 19.57
CA ARG B 183 19.58 -9.20 20.78
C ARG B 183 18.88 -7.86 20.92
N HIS B 184 19.53 -6.78 20.50
CA HIS B 184 18.87 -5.47 20.55
C HIS B 184 17.71 -5.40 19.55
N LEU B 185 17.87 -6.03 18.39
CA LEU B 185 16.77 -6.07 17.43
C LEU B 185 15.58 -6.86 17.97
N ARG B 186 15.85 -8.03 18.55
CA ARG B 186 14.77 -8.83 19.13
C ARG B 186 14.06 -8.08 20.24
N ALA B 187 14.82 -7.50 21.17
CA ALA B 187 14.23 -6.77 22.27
C ALA B 187 13.46 -5.53 21.78
N ASP B 188 14.00 -4.84 20.77
CA ASP B 188 13.32 -3.68 20.23
C ASP B 188 12.03 -4.04 19.53
N PHE B 189 12.03 -5.17 18.82
CA PHE B 189 10.83 -5.62 18.11
C PHE B 189 9.77 -6.11 19.08
N THR B 190 10.16 -6.93 20.08
CA THR B 190 9.17 -7.55 20.95
C THR B 190 8.65 -6.58 22.01
N PHE B 191 9.54 -5.94 22.75
CA PHE B 191 9.13 -5.08 23.86
C PHE B 191 8.98 -3.65 23.36
N GLY B 192 7.74 -3.29 23.03
CA GLY B 192 7.43 -2.02 22.43
C GLY B 192 8.07 -1.93 21.06
N LEU B 193 8.25 -0.69 20.61
CA LEU B 193 9.02 -0.40 19.41
C LEU B 193 10.25 0.40 19.82
N ASP B 194 10.93 1.00 18.83
CA ASP B 194 12.12 1.78 19.14
C ASP B 194 11.74 3.11 19.80
N TRP B 198 4.40 -0.65 20.12
CA TRP B 198 3.90 -1.82 20.82
C TRP B 198 3.02 -2.67 19.91
N ASN B 199 3.14 -3.98 20.08
CA ASN B 199 2.34 -4.95 19.33
C ASN B 199 1.82 -5.98 20.32
N GLU B 200 0.53 -5.88 20.65
CA GLU B 200 -0.06 -6.70 21.70
C GLU B 200 -0.09 -8.19 21.34
N GLU B 201 0.05 -8.53 20.05
CA GLU B 201 0.02 -9.93 19.65
C GLU B 201 1.30 -10.68 20.02
N LEU B 202 2.40 -9.97 20.29
CA LEU B 202 3.69 -10.64 20.48
C LEU B 202 3.91 -11.06 21.93
N THR B 203 2.85 -11.50 22.60
CA THR B 203 2.95 -11.89 24.00
C THR B 203 3.90 -13.08 24.18
N LEU B 204 3.81 -14.10 23.33
CA LEU B 204 4.68 -15.25 23.49
C LEU B 204 6.13 -14.90 23.19
N GLN B 205 6.37 -14.13 22.13
CA GLN B 205 7.74 -13.75 21.77
C GLN B 205 8.40 -12.92 22.86
N ARG B 206 7.62 -12.09 23.58
CA ARG B 206 8.18 -11.33 24.68
C ARG B 206 8.56 -12.23 25.85
N TYR B 207 7.68 -13.19 26.19
CA TYR B 207 7.98 -14.09 27.30
C TYR B 207 9.15 -15.01 26.97
N GLU B 208 9.22 -15.49 25.73
CA GLU B 208 10.36 -16.29 25.32
C GLU B 208 11.66 -15.51 25.46
N LEU B 209 11.64 -14.22 25.12
CA LEU B 209 12.86 -13.41 25.26
C LEU B 209 13.20 -13.16 26.72
N LEU B 210 12.18 -12.87 27.55
CA LEU B 210 12.42 -12.75 28.98
C LEU B 210 13.01 -14.03 29.55
N TYR B 211 12.51 -15.18 29.10
CA TYR B 211 13.02 -16.45 29.57
C TYR B 211 14.47 -16.65 29.13
N GLU B 212 14.78 -16.36 27.87
CA GLU B 212 16.14 -16.49 27.38
C GLU B 212 17.08 -15.55 28.11
N ALA B 213 16.59 -14.37 28.50
CA ALA B 213 17.41 -13.39 29.19
C ALA B 213 17.51 -13.63 30.69
N GLY B 214 16.86 -14.68 31.21
CA GLY B 214 16.92 -14.96 32.64
C GLY B 214 16.13 -14.01 33.50
N LEU B 215 15.08 -13.40 32.96
CA LEU B 215 14.34 -12.35 33.65
C LEU B 215 12.99 -12.82 34.18
N VAL B 216 12.68 -14.11 34.09
CA VAL B 216 11.53 -14.70 34.75
C VAL B 216 12.02 -15.89 35.57
N GLY B 217 11.34 -16.12 36.71
CA GLY B 217 11.79 -17.16 37.63
C GLY B 217 11.91 -18.53 37.01
N GLU B 218 11.06 -18.84 36.02
CA GLU B 218 11.08 -20.16 35.39
C GLU B 218 12.41 -20.47 34.71
N ALA B 219 13.18 -19.44 34.33
CA ALA B 219 14.50 -19.70 33.77
C ALA B 219 15.46 -20.21 34.83
N GLN B 220 15.25 -19.83 36.09
CA GLN B 220 16.07 -20.30 37.22
C GLN B 220 17.54 -19.94 37.03
N SER B 221 17.80 -18.68 36.71
CA SER B 221 19.16 -18.19 36.63
C SER B 221 19.71 -17.95 38.03
N PRO B 223 21.47 -15.59 39.81
CA PRO B 223 20.83 -14.46 40.49
C PRO B 223 19.38 -14.34 40.03
N ARG B 224 18.44 -14.84 40.83
CA ARG B 224 17.07 -14.97 40.37
C ARG B 224 16.45 -13.60 40.17
N ILE B 225 16.13 -13.27 38.92
CA ILE B 225 15.36 -12.10 38.56
C ILE B 225 14.01 -12.57 38.04
N ASN B 226 12.95 -11.84 38.36
CA ASN B 226 11.62 -12.27 37.96
C ASN B 226 10.68 -11.08 37.87
N PHE B 227 9.81 -11.12 36.86
CA PHE B 227 8.74 -10.16 36.69
C PHE B 227 7.43 -10.92 36.53
N GLY B 228 6.40 -10.46 37.23
CA GLY B 228 5.11 -11.12 37.21
C GLY B 228 5.09 -12.37 38.07
N ARG B 229 3.91 -12.90 38.37
CA ARG B 229 3.84 -14.09 39.18
C ARG B 229 4.27 -15.31 38.36
N PRO B 230 5.25 -16.08 38.81
CA PRO B 230 5.59 -17.32 38.09
C PRO B 230 4.53 -18.40 38.30
N MET B 231 4.60 -19.41 37.44
CA MET B 231 3.69 -20.54 37.50
C MET B 231 4.48 -21.84 37.53
N PHE B 232 3.78 -22.90 37.92
CA PHE B 232 4.35 -24.24 37.91
C PHE B 232 4.78 -24.62 36.50
N ALA B 233 5.92 -25.32 36.41
CA ALA B 233 6.50 -25.86 35.15
C ALA B 233 6.56 -24.72 34.11
N ASP B 234 6.10 -24.94 32.88
CA ASP B 234 6.02 -23.88 31.89
C ASP B 234 4.56 -23.50 31.61
N HIS B 235 3.73 -23.45 32.65
CA HIS B 235 2.33 -23.06 32.44
C HIS B 235 2.21 -21.59 32.03
N ARG B 236 3.15 -20.75 32.46
CA ARG B 236 3.12 -19.36 32.03
C ARG B 236 3.45 -19.24 30.55
N ARG B 237 4.25 -20.16 30.02
CA ARG B 237 4.47 -20.23 28.57
C ARG B 237 3.18 -20.58 27.83
N ILE B 238 2.40 -21.52 28.37
CA ILE B 238 1.11 -21.87 27.78
C ILE B 238 0.18 -20.67 27.83
N LEU B 239 0.09 -20.00 28.98
CA LEU B 239 -0.78 -18.84 29.13
C LEU B 239 -0.42 -17.75 28.14
N ALA B 240 0.88 -17.50 27.94
CA ALA B 240 1.30 -16.53 26.95
C ALA B 240 0.83 -16.91 25.55
N THR B 241 0.79 -18.21 25.26
CA THR B 241 0.29 -18.66 23.96
C THR B 241 -1.21 -18.42 23.83
N GLY B 242 -1.97 -18.64 24.91
CA GLY B 242 -3.40 -18.37 24.87
C GLY B 242 -3.71 -16.89 24.74
N ILE B 243 -2.93 -16.05 25.43
CA ILE B 243 -3.13 -14.61 25.31
C ILE B 243 -2.87 -14.16 23.88
N ALA B 244 -1.77 -14.61 23.29
CA ALA B 244 -1.42 -14.21 21.92
C ALA B 244 -2.46 -14.69 20.92
N ARG B 245 -2.97 -15.92 21.10
CA ARG B 245 -3.98 -16.44 20.20
C ARG B 245 -5.27 -15.63 20.29
N LEU B 246 -5.69 -15.28 21.51
CA LEU B 246 -6.94 -14.54 21.66
C LEU B 246 -6.80 -13.12 21.11
N ARG B 247 -5.62 -12.52 21.24
CA ARG B 247 -5.44 -11.16 20.74
C ARG B 247 -5.36 -11.12 19.21
N ALA B 248 -4.83 -12.19 18.59
CA ALA B 248 -4.89 -12.28 17.14
C ALA B 248 -6.31 -12.54 16.67
N LYS B 249 -7.08 -13.32 17.43
CA LYS B 249 -8.46 -13.62 17.04
C LYS B 249 -9.33 -12.37 17.05
N ILE B 250 -9.17 -11.53 18.07
CA ILE B 250 -10.06 -10.39 18.24
C ILE B 250 -9.65 -9.18 17.41
N LYS B 251 -8.39 -9.12 16.98
CA LYS B 251 -7.95 -7.96 16.20
C LYS B 251 -8.66 -7.89 14.85
N TYR B 252 -9.03 -9.03 14.29
CA TYR B 252 -9.61 -9.08 12.95
C TYR B 252 -11.03 -9.61 12.90
N ARG B 253 -11.40 -10.53 13.80
CA ARG B 253 -12.76 -11.06 13.86
C ARG B 253 -13.06 -11.46 15.30
N PRO B 254 -13.53 -10.52 16.12
CA PRO B 254 -13.73 -10.83 17.54
C PRO B 254 -14.96 -11.70 17.80
N VAL B 255 -14.86 -12.98 17.48
CA VAL B 255 -15.93 -13.93 17.80
C VAL B 255 -15.81 -14.29 19.28
N VAL B 256 -16.41 -13.46 20.14
CA VAL B 256 -16.26 -13.64 21.58
C VAL B 256 -17.63 -13.74 22.25
N PHE B 257 -18.58 -14.38 21.58
CA PHE B 257 -19.91 -14.50 22.18
C PHE B 257 -19.88 -15.30 23.48
N GLU B 258 -18.90 -16.21 23.62
CA GLU B 258 -18.80 -16.99 24.84
C GLU B 258 -18.36 -16.16 26.03
N LEU B 259 -17.67 -15.03 25.80
CA LEU B 259 -17.25 -14.17 26.89
C LEU B 259 -18.31 -13.17 27.32
N MET B 260 -19.33 -12.94 26.50
CA MET B 260 -20.38 -11.96 26.77
C MET B 260 -21.65 -12.63 27.26
N ALA B 261 -22.47 -11.85 27.97
CA ALA B 261 -23.86 -12.20 28.14
C ALA B 261 -24.56 -12.15 26.78
N ASP B 262 -25.76 -12.76 26.72
CA ASP B 262 -26.49 -12.79 25.46
C ASP B 262 -26.72 -11.39 24.91
N SER B 263 -26.99 -10.42 25.78
CA SER B 263 -27.23 -9.04 25.38
C SER B 263 -26.15 -8.14 25.94
N PHE B 264 -25.72 -7.17 25.13
CA PHE B 264 -24.63 -6.28 25.51
C PHE B 264 -24.67 -5.04 24.62
N THR B 265 -24.09 -3.95 25.13
CA THR B 265 -23.92 -2.76 24.33
C THR B 265 -22.58 -2.81 23.59
N LEU B 266 -22.43 -1.92 22.60
CA LEU B 266 -21.16 -1.82 21.89
C LEU B 266 -20.07 -1.22 22.77
N LEU B 267 -20.44 -0.47 23.80
CA LEU B 267 -19.44 0.01 24.76
C LEU B 267 -18.88 -1.16 25.57
N GLN B 268 -19.76 -2.03 26.07
CA GLN B 268 -19.30 -3.20 26.81
C GLN B 268 -18.46 -4.12 25.94
N LEU B 269 -18.91 -4.36 24.69
CA LEU B 269 -18.13 -5.17 23.77
C LEU B 269 -16.75 -4.59 23.54
N GLN B 270 -16.66 -3.26 23.44
CA GLN B 270 -15.37 -2.61 23.25
C GLN B 270 -14.51 -2.74 24.49
N ARG B 271 -15.11 -2.54 25.67
CA ARG B 271 -14.35 -2.60 26.91
C ARG B 271 -13.77 -3.99 27.16
N ALA B 272 -14.49 -5.05 26.76
CA ALA B 272 -13.99 -6.40 26.95
C ALA B 272 -12.91 -6.75 25.94
N ILE B 273 -13.05 -6.28 24.70
CA ILE B 273 -11.98 -6.44 23.73
C ILE B 273 -10.74 -5.69 24.20
N GLU B 274 -10.93 -4.47 24.71
CA GLU B 274 -9.81 -3.70 25.25
C GLU B 274 -9.15 -4.41 26.42
N ALA B 275 -9.95 -5.09 27.25
CA ALA B 275 -9.37 -5.86 28.35
C ALA B 275 -8.50 -6.99 27.83
N LEU B 276 -8.98 -7.69 26.81
CA LEU B 276 -8.19 -8.78 26.21
C LEU B 276 -6.93 -8.25 25.55
N ALA B 277 -7.06 -7.16 24.79
CA ALA B 277 -5.90 -6.66 24.04
C ALA B 277 -4.91 -5.93 24.93
N GLY B 278 -5.31 -5.53 26.12
CA GLY B 278 -4.45 -4.71 26.95
C GLY B 278 -4.19 -3.34 26.37
N LEU B 279 -5.11 -2.83 25.55
CA LEU B 279 -4.94 -1.56 24.87
C LEU B 279 -6.26 -0.80 24.89
N THR B 280 -6.16 0.51 24.65
CA THR B 280 -7.33 1.33 24.38
C THR B 280 -7.52 1.44 22.88
N LEU B 281 -8.74 1.19 22.41
CA LEU B 281 -9.04 1.14 21.00
C LEU B 281 -9.76 2.42 20.57
N HIS B 282 -9.47 2.87 19.36
CA HIS B 282 -10.24 3.98 18.79
C HIS B 282 -11.71 3.58 18.71
N LYS B 283 -12.57 4.39 19.34
CA LYS B 283 -13.95 3.98 19.55
C LYS B 283 -14.68 3.77 18.23
N GLN B 284 -14.61 4.74 17.32
CA GLN B 284 -15.34 4.61 16.06
C GLN B 284 -14.68 3.61 15.12
N ASN B 285 -13.36 3.41 15.23
CA ASN B 285 -12.70 2.38 14.44
C ASN B 285 -13.20 1.00 14.82
N PHE B 286 -13.38 0.75 16.12
CA PHE B 286 -13.87 -0.55 16.58
C PHE B 286 -15.28 -0.80 16.09
N ARG B 287 -16.15 0.21 16.15
CA ARG B 287 -17.56 0.01 15.79
C ARG B 287 -17.71 -0.30 14.30
N ARG B 288 -16.94 0.38 13.44
CA ARG B 288 -17.02 0.07 12.02
C ARG B 288 -16.33 -1.25 11.67
N LEU B 289 -15.36 -1.70 12.48
CA LEU B 289 -14.83 -3.04 12.31
C LEU B 289 -15.88 -4.09 12.65
N ILE B 290 -16.76 -3.80 13.61
CA ILE B 290 -17.80 -4.74 13.99
C ILE B 290 -18.87 -4.84 12.90
N GLU B 291 -19.32 -3.69 12.41
CA GLU B 291 -20.32 -3.71 11.34
C GLU B 291 -19.74 -4.30 10.05
N GLN B 292 -18.43 -4.15 9.83
CA GLN B 292 -17.80 -4.73 8.65
C GLN B 292 -17.89 -6.25 8.68
N GLN B 293 -17.52 -6.86 9.81
CA GLN B 293 -17.46 -8.31 9.93
C GLN B 293 -18.82 -8.97 10.11
N GLN B 294 -19.90 -8.18 10.24
CA GLN B 294 -21.26 -8.71 10.35
C GLN B 294 -21.38 -9.70 11.50
N LEU B 295 -20.94 -9.29 12.67
CA LEU B 295 -20.91 -10.16 13.83
C LEU B 295 -22.13 -10.02 14.73
N VAL B 296 -22.70 -8.82 14.86
CA VAL B 296 -23.73 -8.57 15.84
C VAL B 296 -25.00 -8.06 15.15
N GLU B 297 -26.08 -8.04 15.92
CA GLU B 297 -27.35 -7.47 15.52
C GLU B 297 -28.02 -6.92 16.76
N GLU B 298 -28.77 -5.83 16.59
CA GLU B 298 -29.39 -5.19 17.74
C GLU B 298 -30.62 -5.97 18.18
N THR B 299 -30.83 -6.04 19.49
CA THR B 299 -31.91 -6.82 20.07
C THR B 299 -33.26 -6.09 20.04
N GLY B 300 -33.28 -4.82 19.64
CA GLY B 300 -34.48 -4.02 19.70
C GLY B 300 -34.76 -3.43 21.07
N ASP B 301 -34.08 -3.90 22.11
CA ASP B 301 -34.22 -3.35 23.46
C ASP B 301 -33.11 -2.34 23.73
N MET B 302 -33.29 -1.60 24.82
CA MET B 302 -32.39 -0.53 25.20
C MET B 302 -31.77 -0.83 26.56
N ALA B 303 -30.72 -0.08 26.87
CA ALA B 303 -30.07 -0.16 28.17
C ALA B 303 -29.51 1.21 28.50
N THR B 304 -29.51 1.54 29.79
CA THR B 304 -29.05 2.85 30.24
C THR B 304 -27.80 2.73 31.10
N ALA B 311 -28.36 3.59 25.39
CA ALA B 311 -27.53 2.78 24.50
C ALA B 311 -28.27 1.54 24.02
N LYS B 312 -27.98 1.13 22.79
CA LYS B 312 -28.64 -0.03 22.19
C LYS B 312 -27.99 -1.33 22.64
N LEU B 313 -28.81 -2.36 22.80
CA LEU B 313 -28.33 -3.70 23.11
C LEU B 313 -28.15 -4.50 21.83
N PHE B 314 -27.12 -5.34 21.80
CA PHE B 314 -26.79 -6.14 20.63
C PHE B 314 -26.54 -7.58 21.04
N ARG B 315 -26.54 -8.47 20.05
CA ARG B 315 -26.21 -9.88 20.28
C ARG B 315 -25.53 -10.42 19.03
N PHE B 316 -24.69 -11.44 19.23
CA PHE B 316 -24.03 -12.09 18.11
C PHE B 316 -25.03 -12.86 17.26
N ARG B 317 -24.92 -12.70 15.95
CA ARG B 317 -25.87 -13.33 15.03
C ARG B 317 -25.78 -14.85 15.11
N GLN B 318 -26.89 -15.51 14.78
CA GLN B 318 -26.93 -16.96 14.87
C GLN B 318 -25.99 -17.62 13.87
N THR B 319 -25.69 -16.94 12.76
CA THR B 319 -24.73 -17.49 11.79
C THR B 319 -23.35 -17.62 12.40
N VAL B 320 -22.99 -16.71 13.31
CA VAL B 320 -21.70 -16.78 13.99
C VAL B 320 -21.67 -17.98 14.92
N LEU B 321 -22.76 -18.23 15.63
CA LEU B 321 -22.81 -19.31 16.61
C LEU B 321 -22.78 -20.68 15.92
N ASP B 322 -23.44 -20.81 14.77
CA ASP B 322 -23.52 -22.11 14.11
C ASP B 322 -22.20 -22.46 13.43
N GLU B 323 -21.55 -21.48 12.81
CA GLU B 323 -20.25 -21.71 12.18
C GLU B 323 -19.22 -22.23 13.19
N ARG B 324 -19.26 -21.70 14.41
CA ARG B 324 -18.35 -22.22 15.45
C ARG B 324 -18.69 -23.66 15.79
N ALA B 325 -19.98 -24.02 15.73
CA ALA B 325 -20.41 -25.37 16.08
C ALA B 325 -19.93 -26.42 15.07
N LEU B 326 -19.61 -26.01 13.85
CA LEU B 326 -19.21 -26.94 12.80
C LEU B 326 -17.72 -26.82 12.44
N SER B 327 -16.90 -26.30 13.36
CA SER B 327 -15.50 -26.01 13.07
C SER B 327 -14.52 -26.90 13.82
N GLY B 328 -14.80 -27.27 15.06
CA GLY B 328 -13.92 -28.15 15.79
C GLY B 328 -12.92 -27.40 16.66
N THR B 329 -11.81 -28.06 16.94
CA THR B 329 -10.76 -27.50 17.78
C THR B 329 -9.52 -27.09 16.99
N LYS B 330 -9.49 -27.28 15.68
CA LYS B 330 -8.36 -26.86 14.86
C LYS B 330 -8.89 -25.89 13.80
N LEU B 331 -8.97 -24.63 14.19
CA LEU B 331 -9.46 -23.61 13.30
C LEU B 331 -8.42 -23.28 12.24
N PRO B 332 -8.86 -22.96 11.04
CA PRO B 332 -7.93 -22.37 10.05
C PRO B 332 -7.36 -21.08 10.61
N LEU B 333 -6.05 -21.12 10.91
CA LEU B 333 -5.40 -20.09 11.70
C LEU B 333 -4.44 -19.27 10.83
N SER B 334 -4.36 -17.99 11.13
CA SER B 334 -3.52 -17.09 10.33
C SER B 334 -2.04 -17.42 10.49
N ARG B 335 -1.58 -17.64 11.72
CA ARG B 335 -0.15 -17.85 11.95
C ARG B 335 0.02 -18.43 13.35
N ASN B 336 1.28 -18.52 13.79
CA ASN B 336 1.61 -18.91 15.16
C ASN B 336 1.05 -17.89 16.14
N THR C 38 -24.23 6.67 -7.08
CA THR C 38 -23.40 7.36 -6.11
C THR C 38 -22.85 8.64 -6.74
N ILE C 39 -22.88 9.73 -5.99
CA ILE C 39 -22.53 11.04 -6.52
C ILE C 39 -21.01 11.20 -6.55
N GLY C 40 -20.50 11.76 -7.65
CA GLY C 40 -19.12 12.16 -7.72
C GLY C 40 -18.16 11.14 -8.29
N LEU C 41 -18.65 10.12 -8.99
CA LEU C 41 -17.79 9.11 -9.57
C LEU C 41 -17.29 9.54 -10.95
N ALA C 42 -16.15 9.00 -11.34
CA ALA C 42 -15.57 9.34 -12.63
C ALA C 42 -14.72 8.17 -13.14
N HIS C 43 -14.67 8.05 -14.46
CA HIS C 43 -13.77 7.11 -15.12
C HIS C 43 -12.56 7.87 -15.62
N ALA C 44 -11.37 7.45 -15.20
CA ALA C 44 -10.12 8.11 -15.54
C ALA C 44 -9.35 7.33 -16.59
N GLU C 45 -9.00 8.00 -17.69
CA GLU C 45 -8.14 7.44 -18.71
C GLU C 45 -6.73 8.01 -18.54
N LEU C 46 -5.74 7.13 -18.60
CA LEU C 46 -4.33 7.51 -18.51
C LEU C 46 -3.72 7.44 -19.91
N ILE C 47 -3.22 8.57 -20.41
CA ILE C 47 -2.79 8.71 -21.80
C ILE C 47 -1.34 9.16 -21.83
N ALA C 48 -0.53 8.47 -22.63
CA ALA C 48 0.92 8.71 -22.68
C ALA C 48 1.31 9.45 -23.96
N VAL C 49 2.16 10.46 -23.81
CA VAL C 49 2.81 11.12 -24.93
C VAL C 49 4.31 10.82 -24.80
N VAL C 50 4.79 9.85 -25.58
CA VAL C 50 6.18 9.43 -25.54
C VAL C 50 6.86 9.90 -26.83
N THR C 51 7.87 10.74 -26.69
CA THR C 51 8.47 11.45 -27.81
C THR C 51 9.90 11.00 -28.03
N ALA C 52 10.27 10.83 -29.29
CA ALA C 52 11.64 10.55 -29.70
C ALA C 52 11.97 11.42 -30.90
N ILE C 53 13.27 11.68 -31.08
CA ILE C 53 13.76 12.43 -32.22
C ILE C 53 14.64 11.49 -33.04
N THR C 54 14.19 11.16 -34.23
CA THR C 54 14.99 10.38 -35.17
C THR C 54 14.89 11.02 -36.54
N THR C 55 16.04 11.13 -37.21
CA THR C 55 16.15 11.74 -38.55
C THR C 55 15.57 13.15 -38.57
N ASP C 56 15.86 13.92 -37.51
CA ASP C 56 15.51 15.34 -37.42
C ASP C 56 14.00 15.58 -37.38
N GLU C 57 13.23 14.58 -36.95
CA GLU C 57 11.78 14.70 -36.89
C GLU C 57 11.28 14.22 -35.53
N PRO C 58 10.44 15.01 -34.85
CA PRO C 58 9.87 14.55 -33.57
C PRO C 58 8.73 13.58 -33.83
N ARG C 59 8.80 12.41 -33.20
CA ARG C 59 7.82 11.36 -33.40
C ARG C 59 7.23 10.94 -32.05
N VAL C 60 5.96 10.55 -32.08
CA VAL C 60 5.25 10.15 -30.88
C VAL C 60 4.85 8.67 -31.01
N MET C 61 5.04 7.93 -29.92
CA MET C 61 4.64 6.54 -29.87
C MET C 61 3.12 6.42 -29.98
N THR C 62 2.66 5.54 -30.87
CA THR C 62 1.23 5.42 -31.13
C THR C 62 0.83 3.94 -31.12
N VAL C 63 -0.48 3.72 -31.01
CA VAL C 63 -1.09 2.42 -31.23
C VAL C 63 -2.24 2.60 -32.21
N ARG C 64 -2.96 1.50 -32.48
CA ARG C 64 -4.08 1.49 -33.41
C ARG C 64 -3.70 2.14 -34.75
N GLU C 65 -2.52 1.81 -35.24
CA GLU C 65 -2.03 2.25 -36.55
C GLU C 65 -2.03 3.77 -36.65
N GLY C 66 -1.42 4.42 -35.66
CA GLY C 66 -1.30 5.86 -35.63
C GLY C 66 -2.54 6.62 -35.22
N ALA C 67 -3.64 5.94 -34.91
CA ALA C 67 -4.88 6.62 -34.56
C ALA C 67 -4.98 7.00 -33.10
N ALA C 68 -4.07 6.52 -32.24
CA ALA C 68 -4.22 6.77 -30.81
C ALA C 68 -2.87 6.75 -30.12
N LEU C 69 -2.80 7.41 -28.97
CA LEU C 69 -1.67 7.30 -28.09
C LEU C 69 -1.83 6.07 -27.21
N PRO C 70 -0.74 5.53 -26.67
CA PRO C 70 -0.89 4.46 -25.67
C PRO C 70 -1.71 4.99 -24.50
N SER C 71 -2.69 4.21 -24.08
CA SER C 71 -3.62 4.67 -23.05
C SER C 71 -4.34 3.48 -22.43
N GLY C 72 -4.92 3.73 -21.27
CA GLY C 72 -5.68 2.73 -20.55
C GLY C 72 -6.29 3.30 -19.30
N PRO C 73 -7.32 2.64 -18.77
CA PRO C 73 -8.00 3.16 -17.59
C PRO C 73 -7.17 3.01 -16.32
N PHE C 74 -7.37 3.95 -15.41
CA PHE C 74 -6.89 3.80 -14.05
C PHE C 74 -7.63 2.63 -13.40
N GLU C 75 -6.87 1.68 -12.86
CA GLU C 75 -7.42 0.48 -12.27
C GLU C 75 -7.34 0.56 -10.75
N PHE C 76 -8.30 -0.10 -10.09
CA PHE C 76 -8.35 -0.13 -8.63
C PHE C 76 -7.02 -0.56 -8.02
N GLY C 77 -6.33 -1.50 -8.66
CA GLY C 77 -5.07 -2.02 -8.17
C GLY C 77 -3.83 -1.25 -8.55
N HIS C 78 -3.96 -0.17 -9.31
CA HIS C 78 -2.79 0.64 -9.67
C HIS C 78 -2.28 1.38 -8.43
N ARG C 79 -0.97 1.25 -8.18
CA ARG C 79 -0.38 1.94 -7.04
C ARG C 79 -0.53 3.45 -7.18
N THR C 80 -0.06 4.01 -8.29
CA THR C 80 -0.18 5.42 -8.59
C THR C 80 -0.72 5.59 -10.01
N LEU C 81 -1.09 6.82 -10.35
CA LEU C 81 -1.53 7.08 -11.72
C LEU C 81 -0.39 6.84 -12.71
N GLN C 82 0.82 7.28 -12.36
CA GLN C 82 1.95 7.11 -13.27
C GLN C 82 2.32 5.64 -13.44
N SER C 83 2.35 4.87 -12.34
CA SER C 83 2.71 3.47 -12.48
C SER C 83 1.65 2.69 -13.25
N GLY C 84 0.37 3.06 -13.10
CA GLY C 84 -0.67 2.44 -13.91
C GLY C 84 -0.50 2.74 -15.39
N LEU C 85 -0.16 3.99 -15.72
CA LEU C 85 0.07 4.32 -17.13
C LEU C 85 1.27 3.55 -17.68
N ARG C 86 2.31 3.40 -16.87
CA ARG C 86 3.49 2.64 -17.31
C ARG C 86 3.10 1.21 -17.68
N GLU C 87 2.22 0.59 -16.89
CA GLU C 87 1.76 -0.76 -17.20
C GLU C 87 1.07 -0.81 -18.55
N TRP C 88 0.24 0.19 -18.86
CA TRP C 88 -0.45 0.19 -20.16
C TRP C 88 0.52 0.37 -21.31
N ILE C 89 1.56 1.19 -21.12
CA ILE C 89 2.58 1.35 -22.16
C ILE C 89 3.27 0.03 -22.43
N HIS C 90 3.63 -0.70 -21.37
CA HIS C 90 4.24 -2.01 -21.53
C HIS C 90 3.30 -2.99 -22.22
N GLU C 91 2.04 -3.00 -21.81
CA GLU C 91 1.07 -3.92 -22.40
C GLU C 91 0.84 -3.64 -23.87
N GLN C 92 0.82 -2.35 -24.25
CA GLN C 92 0.35 -1.98 -25.58
C GLN C 92 1.49 -1.81 -26.59
N THR C 93 2.69 -1.45 -26.15
CA THR C 93 3.80 -1.22 -27.06
C THR C 93 4.98 -2.16 -26.86
N HIS C 94 5.05 -2.87 -25.74
CA HIS C 94 6.22 -3.67 -25.36
C HIS C 94 7.48 -2.81 -25.29
N HIS C 95 7.34 -1.50 -25.18
CA HIS C 95 8.47 -0.57 -25.26
C HIS C 95 8.66 0.08 -23.90
N PRO C 96 9.73 -0.25 -23.16
CA PRO C 96 9.98 0.44 -21.90
C PRO C 96 10.24 1.92 -22.16
N VAL C 97 9.92 2.74 -21.15
CA VAL C 97 10.13 4.18 -21.20
C VAL C 97 10.88 4.60 -19.95
N GLY C 98 11.42 5.81 -19.99
CA GLY C 98 12.17 6.33 -18.87
C GLY C 98 11.32 7.16 -17.94
N TYR C 99 11.78 8.37 -17.63
CA TYR C 99 11.01 9.25 -16.76
C TYR C 99 9.71 9.68 -17.43
N LEU C 100 8.68 9.85 -16.61
CA LEU C 100 7.39 10.39 -17.04
C LEU C 100 7.02 11.55 -16.13
N GLU C 101 6.34 12.54 -16.69
CA GLU C 101 5.87 13.65 -15.88
C GLU C 101 4.45 13.99 -16.26
N GLN C 102 3.61 14.20 -15.27
CA GLN C 102 2.20 14.47 -15.52
C GLN C 102 2.04 15.75 -16.32
N LEU C 103 1.05 15.75 -17.22
CA LEU C 103 0.80 16.90 -18.08
C LEU C 103 -0.36 17.73 -17.56
N TYR C 104 -1.57 17.20 -17.68
CA TYR C 104 -2.78 17.96 -17.40
C TYR C 104 -3.95 16.98 -17.31
N THR C 105 -5.01 17.39 -16.62
CA THR C 105 -6.21 16.59 -16.50
C THR C 105 -7.37 17.33 -17.15
N PHE C 106 -8.05 16.65 -18.07
CA PHE C 106 -9.20 17.21 -18.77
C PHE C 106 -10.46 16.44 -18.41
N ALA C 107 -11.59 17.13 -18.46
CA ALA C 107 -12.89 16.51 -18.26
C ALA C 107 -13.69 16.57 -19.56
N ASP C 108 -14.62 15.63 -19.71
CA ASP C 108 -15.50 15.60 -20.87
C ASP C 108 -16.44 16.80 -20.86
N GLU C 114 -24.53 9.82 -18.74
CA GLU C 114 -25.57 9.40 -17.80
C GLU C 114 -25.51 7.89 -17.57
N ILE C 115 -25.52 7.13 -18.67
CA ILE C 115 -25.53 5.68 -18.55
C ILE C 115 -24.22 5.17 -17.95
N LEU C 116 -23.14 5.92 -18.13
CA LEU C 116 -21.84 5.48 -17.64
C LEU C 116 -21.75 5.54 -16.11
N GLY C 117 -22.61 6.34 -15.48
CA GLY C 117 -22.61 6.46 -14.03
C GLY C 117 -21.64 7.48 -13.47
N GLY C 118 -20.94 8.21 -14.32
CA GLY C 118 -20.01 9.22 -13.85
C GLY C 118 -19.42 9.95 -15.03
N ARG C 119 -18.63 10.97 -14.71
CA ARG C 119 -17.89 11.71 -15.73
C ARG C 119 -16.68 10.91 -16.19
N THR C 120 -16.04 11.39 -17.26
CA THR C 120 -14.79 10.83 -17.74
C THR C 120 -13.73 11.91 -17.72
N ILE C 121 -12.57 11.59 -17.17
CA ILE C 121 -11.45 12.52 -17.15
C ILE C 121 -10.26 11.87 -17.85
N SER C 122 -9.39 12.71 -18.40
CA SER C 122 -8.22 12.26 -19.15
C SER C 122 -6.97 12.84 -18.51
N ILE C 123 -6.08 11.96 -18.07
CA ILE C 123 -4.83 12.36 -17.42
C ILE C 123 -3.69 11.98 -18.36
N GLY C 124 -2.96 12.98 -18.84
CA GLY C 124 -1.85 12.77 -19.75
C GLY C 124 -0.51 12.81 -19.04
N TYR C 125 0.47 12.14 -19.66
CA TYR C 125 1.85 12.14 -19.18
C TYR C 125 2.77 12.30 -20.37
N LEU C 126 3.96 12.86 -20.11
CA LEU C 126 4.96 13.08 -21.14
C LEU C 126 6.21 12.28 -20.82
N GLY C 127 6.77 11.64 -21.84
CA GLY C 127 8.02 10.92 -21.70
C GLY C 127 8.92 11.17 -22.90
N LEU C 128 10.22 11.04 -22.68
CA LEU C 128 11.23 11.20 -23.72
C LEU C 128 12.07 9.94 -23.78
N VAL C 129 12.22 9.37 -24.98
CA VAL C 129 13.00 8.15 -25.16
C VAL C 129 13.89 8.26 -26.40
N ARG C 130 14.54 7.16 -26.78
CA ARG C 130 15.51 7.14 -27.87
C ARG C 130 15.04 6.37 -29.10
N GLU C 131 14.58 5.14 -28.93
CA GLU C 131 14.43 4.21 -30.07
C GLU C 131 13.42 4.73 -31.10
N GLN C 132 13.77 4.53 -32.36
CA GLN C 132 12.94 4.87 -33.53
C GLN C 132 12.19 6.18 -33.39
N ALA C 140 6.46 -1.35 -31.08
CA ALA C 140 6.06 0.05 -30.99
C ALA C 140 6.02 0.69 -32.37
N PHE C 141 4.97 1.44 -32.63
CA PHE C 141 4.82 2.20 -33.86
C PHE C 141 4.97 3.68 -33.58
N TRP C 142 5.54 4.41 -34.53
CA TRP C 142 5.85 5.82 -34.35
C TRP C 142 5.28 6.64 -35.49
N HIS C 143 4.73 7.80 -35.14
CA HIS C 143 4.25 8.78 -36.11
C HIS C 143 4.76 10.15 -35.71
N GLY C 144 4.92 11.01 -36.71
CA GLY C 144 5.46 12.33 -36.44
C GLY C 144 4.45 13.26 -35.80
N TRP C 145 4.94 14.10 -34.89
CA TRP C 145 4.13 15.17 -34.30
C TRP C 145 3.32 15.90 -35.37
N TYR C 146 3.98 16.28 -36.45
CA TYR C 146 3.43 17.21 -37.42
C TYR C 146 2.58 16.55 -38.49
N GLU C 147 2.40 15.22 -38.43
CA GLU C 147 1.30 14.60 -39.15
C GLU C 147 -0.02 14.99 -38.52
N TYR C 148 -0.05 15.08 -37.19
CA TYR C 148 -1.22 15.51 -36.44
C TYR C 148 -1.34 17.02 -36.34
N PHE C 149 -0.21 17.72 -36.26
CA PHE C 149 -0.19 19.18 -36.05
C PHE C 149 0.70 19.85 -37.10
N PRO C 150 0.32 19.76 -38.38
CA PRO C 150 1.20 20.32 -39.43
C PRO C 150 1.39 21.84 -39.32
N TRP C 151 0.43 22.56 -38.76
CA TRP C 151 0.54 24.01 -38.63
C TRP C 151 1.49 24.45 -37.52
N GLU C 152 2.12 23.51 -36.82
CA GLU C 152 3.00 23.83 -35.71
C GLU C 152 4.49 23.76 -36.07
N ASP C 153 4.82 23.39 -37.31
CA ASP C 153 6.20 23.26 -37.75
C ASP C 153 6.48 24.35 -38.79
N HIS C 154 7.28 25.34 -38.40
CA HIS C 154 7.65 26.45 -39.27
C HIS C 154 9.14 26.41 -39.62
N ARG C 155 9.80 25.27 -39.42
CA ARG C 155 11.21 25.17 -39.79
C ARG C 155 11.43 25.41 -41.27
N GLN C 156 10.47 25.03 -42.10
CA GLN C 156 10.52 25.29 -43.54
C GLN C 156 9.64 26.49 -43.92
N GLY C 157 9.51 27.45 -43.02
CA GLY C 157 8.61 28.58 -43.25
C GLY C 157 7.17 28.21 -42.96
N ARG C 158 6.31 29.19 -43.16
CA ARG C 158 4.88 29.03 -42.93
C ARG C 158 4.35 27.82 -43.68
N PRO C 159 3.76 26.84 -43.01
CA PRO C 159 3.19 25.70 -43.73
C PRO C 159 2.01 26.13 -44.58
N ASP C 160 1.89 25.49 -45.76
CA ASP C 160 0.86 25.88 -46.72
C ASP C 160 -0.54 25.70 -46.16
N ILE C 161 -0.73 24.74 -45.25
CA ILE C 161 -2.06 24.48 -44.70
C ILE C 161 -2.55 25.65 -43.84
N LEU C 162 -1.64 26.50 -43.36
CA LEU C 162 -2.05 27.53 -42.42
C LEU C 162 -2.94 28.59 -43.06
N ASP C 163 -2.77 28.84 -44.36
CA ASP C 163 -3.64 29.78 -45.06
C ASP C 163 -5.09 29.31 -45.02
N SER C 164 -5.33 28.02 -45.32
CA SER C 164 -6.68 27.48 -45.28
C SER C 164 -7.26 27.54 -43.86
N ILE C 165 -6.43 27.32 -42.85
CA ILE C 165 -6.92 27.37 -41.47
C ILE C 165 -7.36 28.78 -41.11
N ILE C 166 -6.55 29.79 -41.45
CA ILE C 166 -6.89 31.16 -41.10
C ILE C 166 -8.19 31.59 -41.78
N ASP C 167 -8.38 31.19 -43.03
CA ASP C 167 -9.64 31.51 -43.71
C ASP C 167 -10.83 30.89 -42.99
N LYS C 168 -10.76 29.58 -42.73
CA LYS C 168 -11.85 28.92 -42.01
C LYS C 168 -12.06 29.56 -40.64
N LEU C 169 -10.97 29.86 -39.95
CA LEU C 169 -11.07 30.46 -38.62
C LEU C 169 -11.64 31.87 -38.68
N ARG C 170 -11.33 32.62 -39.75
CA ARG C 170 -11.88 33.97 -39.87
C ARG C 170 -13.38 33.92 -40.12
N ALA C 171 -13.83 33.03 -41.00
CA ALA C 171 -15.27 32.90 -41.25
C ALA C 171 -16.02 32.57 -39.97
N TRP C 172 -15.43 31.75 -39.10
CA TRP C 172 -16.07 31.44 -37.83
C TRP C 172 -16.07 32.63 -36.89
N ALA C 173 -14.95 33.35 -36.80
CA ALA C 173 -14.86 34.49 -35.90
C ALA C 173 -15.81 35.62 -36.29
N ASP C 174 -16.21 35.69 -37.56
CA ASP C 174 -17.12 36.72 -38.02
C ASP C 174 -18.56 36.24 -38.16
N SER C 175 -18.81 34.93 -37.99
CA SER C 175 -20.12 34.38 -38.31
C SER C 175 -21.21 34.89 -37.38
N GLU C 176 -20.85 35.32 -36.17
CA GLU C 176 -21.80 35.76 -35.15
C GLU C 176 -21.35 37.11 -34.61
N PRO C 177 -21.98 38.21 -35.02
CA PRO C 177 -21.45 39.55 -34.67
C PRO C 177 -21.33 39.82 -33.19
N ASP C 178 -22.26 39.31 -32.36
CA ASP C 178 -22.18 39.56 -30.92
C ASP C 178 -20.96 38.91 -30.28
N SER C 179 -20.33 37.96 -30.97
CA SER C 179 -19.14 37.29 -30.45
C SER C 179 -17.89 37.58 -31.26
N ARG C 180 -17.98 38.43 -32.30
CA ARG C 180 -16.85 38.64 -33.19
C ARG C 180 -15.63 39.18 -32.43
N ALA C 181 -15.85 40.14 -31.53
CA ALA C 181 -14.73 40.82 -30.88
C ALA C 181 -13.90 39.86 -30.03
N GLN C 182 -14.56 39.09 -29.16
CA GLN C 182 -13.80 38.17 -28.32
C GLN C 182 -13.25 36.98 -29.08
N ARG C 183 -13.89 36.60 -30.19
CA ARG C 183 -13.36 35.52 -31.02
C ARG C 183 -12.12 35.97 -31.78
N HIS C 184 -12.12 37.22 -32.26
CA HIS C 184 -10.92 37.75 -32.90
C HIS C 184 -9.78 37.90 -31.89
N LEU C 185 -10.11 38.25 -30.64
CA LEU C 185 -9.07 38.38 -29.63
C LEU C 185 -8.43 37.04 -29.31
N ARG C 186 -9.23 35.98 -29.22
CA ARG C 186 -8.67 34.66 -28.96
C ARG C 186 -7.95 34.10 -30.19
N ALA C 187 -8.49 34.34 -31.38
CA ALA C 187 -7.82 33.86 -32.60
C ALA C 187 -6.53 34.61 -32.87
N ASP C 188 -6.42 35.86 -32.41
CA ASP C 188 -5.16 36.59 -32.56
C ASP C 188 -4.13 36.13 -31.54
N PHE C 189 -4.57 35.87 -30.31
CA PHE C 189 -3.67 35.37 -29.27
C PHE C 189 -3.06 34.02 -29.64
N THR C 190 -3.82 33.17 -30.33
CA THR C 190 -3.37 31.82 -30.65
C THR C 190 -2.76 31.71 -32.03
N PHE C 191 -3.45 32.23 -33.05
CA PHE C 191 -3.02 32.10 -34.44
C PHE C 191 -2.57 33.42 -35.07
N GLY C 192 -2.63 34.53 -34.34
CA GLY C 192 -2.29 35.82 -34.93
C GLY C 192 -3.23 36.25 -36.03
N LEU C 193 -4.53 36.02 -35.87
CA LEU C 193 -5.49 36.36 -36.91
C LEU C 193 -5.55 37.87 -37.15
N ASP C 194 -5.38 38.66 -36.09
CA ASP C 194 -5.42 40.12 -36.17
C ASP C 194 -4.04 40.75 -36.28
N GLY C 195 -3.06 40.02 -36.82
CA GLY C 195 -1.73 40.54 -37.03
C GLY C 195 -0.77 40.35 -35.88
N GLY C 196 -1.09 39.49 -34.91
CA GLY C 196 -0.21 39.25 -33.79
C GLY C 196 1.00 38.42 -34.16
N GLY C 197 1.83 38.14 -33.16
CA GLY C 197 3.00 37.32 -33.32
C GLY C 197 2.66 35.84 -33.33
N TRP C 198 3.58 35.04 -32.80
CA TRP C 198 3.37 33.59 -32.71
C TRP C 198 4.13 33.08 -31.50
N ASN C 199 3.42 32.40 -30.60
CA ASN C 199 4.00 31.75 -29.44
C ASN C 199 3.89 30.25 -29.66
N GLU C 200 5.03 29.58 -29.85
CA GLU C 200 5.02 28.15 -30.16
C GLU C 200 4.53 27.30 -28.99
N GLU C 201 4.49 27.86 -27.78
CA GLU C 201 4.02 27.14 -26.60
C GLU C 201 2.50 27.01 -26.54
N LEU C 202 1.76 27.75 -27.37
CA LEU C 202 0.30 27.77 -27.31
C LEU C 202 -0.33 26.67 -28.15
N THR C 203 0.34 25.51 -28.25
CA THR C 203 -0.18 24.42 -29.07
C THR C 203 -1.56 23.97 -28.59
N LEU C 204 -1.75 23.85 -27.27
CA LEU C 204 -3.04 23.41 -26.76
C LEU C 204 -4.12 24.45 -27.05
N GLN C 205 -3.83 25.73 -26.82
CA GLN C 205 -4.82 26.78 -27.02
C GLN C 205 -5.21 26.87 -28.49
N ARG C 206 -4.25 26.72 -29.40
CA ARG C 206 -4.58 26.69 -30.82
C ARG C 206 -5.52 25.52 -31.14
N TYR C 207 -5.17 24.33 -30.66
CA TYR C 207 -6.01 23.16 -30.93
C TYR C 207 -7.41 23.34 -30.36
N GLU C 208 -7.51 23.81 -29.12
CA GLU C 208 -8.82 23.98 -28.51
C GLU C 208 -9.66 25.00 -29.27
N LEU C 209 -9.03 26.04 -29.81
CA LEU C 209 -9.77 27.00 -30.62
C LEU C 209 -10.25 26.37 -31.92
N LEU C 210 -9.39 25.58 -32.57
CA LEU C 210 -9.83 24.85 -33.76
C LEU C 210 -10.99 23.90 -33.43
N TYR C 211 -10.92 23.25 -32.26
CA TYR C 211 -12.00 22.37 -31.86
C TYR C 211 -13.30 23.15 -31.67
N GLU C 212 -13.24 24.30 -31.00
CA GLU C 212 -14.46 25.07 -30.77
C GLU C 212 -15.03 25.63 -32.06
N ALA C 213 -14.16 25.97 -33.02
CA ALA C 213 -14.60 26.47 -34.32
C ALA C 213 -15.10 25.36 -35.24
N GLY C 214 -15.06 24.10 -34.80
CA GLY C 214 -15.47 23.00 -35.64
C GLY C 214 -14.55 22.76 -36.82
N LEU C 215 -13.24 22.93 -36.61
CA LEU C 215 -12.27 22.85 -37.70
C LEU C 215 -11.35 21.64 -37.58
N VAL C 216 -11.62 20.74 -36.64
CA VAL C 216 -10.93 19.46 -36.56
C VAL C 216 -11.99 18.36 -36.54
N GLY C 217 -11.60 17.17 -37.03
CA GLY C 217 -12.55 16.08 -37.14
C GLY C 217 -13.22 15.73 -35.84
N GLU C 218 -12.49 15.82 -34.73
CA GLU C 218 -13.01 15.43 -33.43
C GLU C 218 -14.20 16.29 -32.97
N ALA C 219 -14.42 17.44 -33.62
CA ALA C 219 -15.56 18.27 -33.26
C ALA C 219 -16.84 17.82 -33.94
N GLN C 220 -16.75 17.11 -35.06
CA GLN C 220 -17.91 16.55 -35.72
C GLN C 220 -18.91 17.66 -36.07
N SER C 221 -18.46 18.55 -36.96
CA SER C 221 -19.13 19.81 -37.17
C SER C 221 -20.20 19.68 -38.25
N GLU C 222 -20.85 20.81 -38.56
CA GLU C 222 -22.03 20.78 -39.43
C GLU C 222 -21.74 20.12 -40.78
N PRO C 223 -20.84 20.65 -41.68
CA PRO C 223 -20.12 19.74 -42.57
C PRO C 223 -18.80 19.35 -41.93
N ARG C 224 -18.07 18.38 -42.47
CA ARG C 224 -16.83 17.96 -41.85
C ARG C 224 -15.70 18.85 -42.37
N ILE C 225 -15.14 19.66 -41.47
CA ILE C 225 -13.90 20.39 -41.72
C ILE C 225 -12.84 19.79 -40.81
N ASN C 226 -11.68 19.47 -41.38
CA ASN C 226 -10.59 18.94 -40.58
C ASN C 226 -9.24 19.37 -41.16
N PHE C 227 -8.30 19.62 -40.26
CA PHE C 227 -6.91 19.87 -40.59
C PHE C 227 -6.03 18.94 -39.75
N GLY C 228 -5.03 18.35 -40.38
CA GLY C 228 -4.15 17.43 -39.69
C GLY C 228 -4.79 16.08 -39.42
N ARG C 229 -3.99 15.09 -39.08
CA ARG C 229 -4.52 13.74 -38.86
C ARG C 229 -5.29 13.68 -37.56
N PRO C 230 -6.58 13.32 -37.58
CA PRO C 230 -7.34 13.23 -36.32
C PRO C 230 -6.92 12.00 -35.52
N MET C 231 -7.40 11.95 -34.28
CA MET C 231 -7.03 10.86 -33.39
C MET C 231 -8.26 10.34 -32.65
N PHE C 232 -8.09 9.13 -32.12
CA PHE C 232 -9.07 8.49 -31.25
C PHE C 232 -9.37 9.38 -30.04
N ALA C 233 -10.65 9.52 -29.72
CA ALA C 233 -11.13 10.17 -28.49
C ALA C 233 -10.58 11.60 -28.44
N ASP C 234 -9.89 11.99 -27.37
CA ASP C 234 -9.33 13.33 -27.20
C ASP C 234 -7.81 13.31 -27.22
N HIS C 235 -7.21 12.38 -27.96
CA HIS C 235 -5.77 12.16 -27.82
C HIS C 235 -4.97 13.29 -28.49
N ARG C 236 -5.49 13.90 -29.55
CA ARG C 236 -4.79 15.06 -30.11
C ARG C 236 -4.74 16.21 -29.10
N ARG C 237 -5.77 16.34 -28.26
CA ARG C 237 -5.72 17.34 -27.19
C ARG C 237 -4.61 17.02 -26.21
N ILE C 238 -4.48 15.75 -25.83
CA ILE C 238 -3.38 15.33 -24.95
C ILE C 238 -2.04 15.57 -25.63
N LEU C 239 -1.92 15.20 -26.90
CA LEU C 239 -0.68 15.40 -27.63
C LEU C 239 -0.31 16.89 -27.70
N ALA C 240 -1.29 17.74 -27.99
CA ALA C 240 -1.05 19.18 -28.00
C ALA C 240 -0.49 19.66 -26.66
N THR C 241 -0.98 19.10 -25.55
CA THR C 241 -0.47 19.48 -24.24
C THR C 241 0.97 19.00 -24.05
N GLY C 242 1.31 17.83 -24.58
CA GLY C 242 2.68 17.36 -24.47
C GLY C 242 3.66 18.19 -25.27
N ILE C 243 3.27 18.56 -26.49
CA ILE C 243 4.11 19.42 -27.32
C ILE C 243 4.34 20.77 -26.62
N ALA C 244 3.27 21.34 -26.05
CA ALA C 244 3.39 22.63 -25.37
C ALA C 244 4.32 22.56 -24.17
N ARG C 245 4.20 21.50 -23.35
CA ARG C 245 5.02 21.37 -22.16
C ARG C 245 6.49 21.24 -22.51
N LEU C 246 6.79 20.42 -23.51
CA LEU C 246 8.17 20.23 -23.92
C LEU C 246 8.76 21.50 -24.50
N ARG C 247 7.96 22.25 -25.26
CA ARG C 247 8.43 23.52 -25.83
C ARG C 247 8.69 24.56 -24.75
N ALA C 248 7.92 24.54 -23.66
CA ALA C 248 8.18 25.46 -22.56
C ALA C 248 9.46 25.09 -21.82
N LYS C 249 9.69 23.79 -21.62
CA LYS C 249 10.88 23.34 -20.90
C LYS C 249 12.15 23.71 -21.65
N ILE C 250 12.18 23.47 -22.96
CA ILE C 250 13.39 23.71 -23.74
C ILE C 250 13.62 25.19 -24.06
N LYS C 251 12.58 26.03 -23.95
CA LYS C 251 12.78 27.45 -24.28
C LYS C 251 13.82 28.08 -23.37
N TYR C 252 13.97 27.60 -22.14
CA TYR C 252 14.90 28.19 -21.19
C TYR C 252 15.96 27.24 -20.66
N ARG C 253 15.74 25.92 -20.74
CA ARG C 253 16.70 24.96 -20.23
C ARG C 253 16.45 23.63 -20.90
N PRO C 254 17.03 23.41 -22.08
CA PRO C 254 16.79 22.18 -22.83
C PRO C 254 17.52 20.98 -22.25
N VAL C 255 16.94 20.34 -21.25
CA VAL C 255 17.54 19.12 -20.65
C VAL C 255 16.94 17.95 -21.41
N VAL C 256 17.53 17.66 -22.57
CA VAL C 256 16.95 16.69 -23.49
C VAL C 256 17.87 15.49 -23.65
N PHE C 257 18.61 15.16 -22.59
CA PHE C 257 19.57 14.05 -22.69
C PHE C 257 18.87 12.74 -23.01
N GLU C 258 17.59 12.59 -22.65
CA GLU C 258 16.85 11.38 -22.97
C GLU C 258 16.57 11.25 -24.47
N LEU C 259 16.56 12.36 -25.20
CA LEU C 259 16.30 12.33 -26.63
C LEU C 259 17.58 12.16 -27.46
N MET C 260 18.70 12.68 -26.96
CA MET C 260 19.96 12.63 -27.68
C MET C 260 20.71 11.33 -27.40
N ALA C 261 21.60 10.98 -28.31
CA ALA C 261 22.55 9.91 -28.04
C ALA C 261 23.54 10.36 -26.98
N ASP C 262 24.38 9.42 -26.54
CA ASP C 262 25.32 9.69 -25.45
C ASP C 262 26.23 10.87 -25.79
N SER C 263 26.70 10.94 -27.04
CA SER C 263 27.52 12.05 -27.50
C SER C 263 26.92 12.62 -28.77
N PHE C 264 27.07 13.93 -28.92
CA PHE C 264 26.42 14.64 -30.02
C PHE C 264 27.19 15.92 -30.31
N THR C 265 26.99 16.45 -31.51
CA THR C 265 27.53 17.77 -31.82
C THR C 265 26.52 18.84 -31.45
N LEU C 266 27.01 20.07 -31.27
CA LEU C 266 26.11 21.16 -30.94
C LEU C 266 25.14 21.45 -32.07
N LEU C 267 25.55 21.22 -33.32
CA LEU C 267 24.63 21.39 -34.44
C LEU C 267 23.49 20.36 -34.36
N GLN C 268 23.82 19.14 -33.94
CA GLN C 268 22.78 18.13 -33.74
C GLN C 268 21.83 18.52 -32.61
N LEU C 269 22.38 19.08 -31.53
CA LEU C 269 21.53 19.55 -30.44
C LEU C 269 20.63 20.68 -30.90
N GLN C 270 21.17 21.62 -31.69
CA GLN C 270 20.35 22.71 -32.20
C GLN C 270 19.24 22.18 -33.10
N ARG C 271 19.57 21.24 -34.00
CA ARG C 271 18.56 20.67 -34.87
C ARG C 271 17.50 19.92 -34.09
N ALA C 272 17.88 19.27 -32.98
CA ALA C 272 16.92 18.58 -32.14
C ALA C 272 15.97 19.57 -31.49
N ILE C 273 16.51 20.66 -30.94
CA ILE C 273 15.66 21.67 -30.31
C ILE C 273 14.77 22.33 -31.36
N GLU C 274 15.31 22.59 -32.55
CA GLU C 274 14.50 23.19 -33.62
C GLU C 274 13.36 22.27 -34.01
N ALA C 275 13.60 20.96 -34.01
CA ALA C 275 12.56 20.00 -34.35
C ALA C 275 11.44 20.02 -33.32
N LEU C 276 11.79 20.15 -32.03
CA LEU C 276 10.78 20.22 -30.99
C LEU C 276 10.07 21.57 -30.98
N ALA C 277 10.81 22.65 -31.19
CA ALA C 277 10.22 23.98 -31.14
C ALA C 277 9.38 24.28 -32.38
N GLY C 278 9.64 23.61 -33.49
CA GLY C 278 8.98 23.94 -34.73
C GLY C 278 9.46 25.24 -35.34
N LEU C 279 10.64 25.70 -34.96
CA LEU C 279 11.20 26.98 -35.39
C LEU C 279 12.68 26.83 -35.67
N THR C 280 13.17 27.64 -36.60
CA THR C 280 14.61 27.81 -36.76
C THR C 280 15.15 28.70 -35.65
N LEU C 281 16.29 28.31 -35.08
CA LEU C 281 16.89 29.03 -33.96
C LEU C 281 18.12 29.80 -34.43
N HIS C 282 18.47 30.84 -33.67
CA HIS C 282 19.67 31.63 -33.94
C HIS C 282 20.88 30.88 -33.41
N LYS C 283 21.80 30.52 -34.31
CA LYS C 283 22.89 29.63 -33.96
C LYS C 283 23.75 30.21 -32.84
N GLN C 284 24.11 31.49 -32.93
CA GLN C 284 24.97 32.09 -31.93
C GLN C 284 24.26 32.24 -30.59
N ASN C 285 23.01 32.73 -30.61
CA ASN C 285 22.28 32.90 -29.36
C ASN C 285 21.96 31.56 -28.71
N PHE C 286 21.74 30.51 -29.52
CA PHE C 286 21.47 29.19 -28.94
C PHE C 286 22.69 28.65 -28.22
N ARG C 287 23.86 28.72 -28.87
CA ARG C 287 25.10 28.26 -28.23
C ARG C 287 25.42 29.08 -26.99
N ARG C 288 24.96 30.32 -26.90
CA ARG C 288 25.17 31.12 -25.70
C ARG C 288 24.35 30.58 -24.55
N LEU C 289 23.04 30.36 -24.76
CA LEU C 289 22.17 29.84 -23.70
C LEU C 289 22.65 28.47 -23.22
N ILE C 290 23.11 27.63 -24.14
CA ILE C 290 23.67 26.34 -23.74
C ILE C 290 24.88 26.53 -22.84
N GLU C 291 25.68 27.56 -23.10
CA GLU C 291 26.86 27.83 -22.29
C GLU C 291 26.48 28.31 -20.89
N GLN C 292 25.47 29.18 -20.80
CA GLN C 292 25.10 29.78 -19.52
C GLN C 292 24.31 28.83 -18.64
N GLN C 293 23.46 27.98 -19.23
CA GLN C 293 22.80 26.95 -18.43
C GLN C 293 23.77 25.86 -17.98
N GLN C 294 24.96 25.78 -18.57
CA GLN C 294 25.98 24.81 -18.17
C GLN C 294 25.45 23.39 -18.23
N LEU C 295 24.87 23.04 -19.38
CA LEU C 295 24.23 21.74 -19.55
C LEU C 295 25.18 20.69 -20.11
N VAL C 296 26.08 21.08 -21.01
CA VAL C 296 26.89 20.13 -21.77
C VAL C 296 28.36 20.37 -21.50
N GLU C 297 29.16 19.34 -21.78
CA GLU C 297 30.62 19.40 -21.67
C GLU C 297 31.22 18.65 -22.86
N GLU C 298 32.42 19.06 -23.24
CA GLU C 298 33.10 18.40 -24.35
C GLU C 298 33.49 16.97 -23.96
N THR C 299 33.38 16.05 -24.92
CA THR C 299 33.77 14.67 -24.69
C THR C 299 35.21 14.38 -25.07
N GLY C 300 35.90 15.33 -25.70
CA GLY C 300 37.26 15.13 -26.13
C GLY C 300 37.43 14.42 -27.46
N ASP C 301 36.34 14.08 -28.14
CA ASP C 301 36.40 13.38 -29.41
C ASP C 301 35.74 14.23 -30.49
N MET C 302 35.99 13.87 -31.74
CA MET C 302 35.49 14.59 -32.90
C MET C 302 34.54 13.71 -33.70
N ALA C 303 33.81 14.35 -34.61
CA ALA C 303 32.89 13.65 -35.49
C ALA C 303 32.62 14.47 -36.75
N ALA C 311 33.62 18.41 -36.25
CA ALA C 311 33.07 19.14 -35.11
C ALA C 311 33.22 18.33 -33.82
N LYS C 312 33.31 19.03 -32.69
CA LYS C 312 33.49 18.36 -31.41
C LYS C 312 32.19 17.73 -30.92
N LEU C 313 32.32 16.55 -30.31
CA LEU C 313 31.19 15.88 -29.68
C LEU C 313 31.04 16.34 -28.24
N PHE C 314 29.80 16.50 -27.81
CA PHE C 314 29.46 16.93 -26.46
C PHE C 314 28.58 15.89 -25.80
N ARG C 315 28.47 15.99 -24.48
CA ARG C 315 27.56 15.16 -23.72
C ARG C 315 26.94 16.01 -22.61
N PHE C 316 25.74 15.64 -22.20
CA PHE C 316 25.13 16.29 -21.06
C PHE C 316 25.87 15.91 -19.79
N ARG C 317 26.28 16.92 -19.02
CA ARG C 317 27.00 16.68 -17.77
C ARG C 317 26.16 15.80 -16.85
N GLN C 318 26.82 14.92 -16.12
CA GLN C 318 26.05 14.04 -15.24
C GLN C 318 25.45 14.77 -14.05
N THR C 319 25.70 16.07 -13.92
CA THR C 319 24.98 16.86 -12.91
C THR C 319 23.51 16.98 -13.28
N VAL C 320 23.21 17.22 -14.55
CA VAL C 320 21.81 17.34 -14.96
C VAL C 320 21.17 15.96 -15.06
N LEU C 321 21.95 14.90 -15.28
CA LEU C 321 21.38 13.55 -15.29
C LEU C 321 20.95 13.14 -13.89
N ASP C 322 21.76 13.46 -12.88
CA ASP C 322 21.46 13.03 -11.52
C ASP C 322 20.33 13.87 -10.90
N GLU C 323 20.25 15.15 -11.25
CA GLU C 323 19.19 15.99 -10.68
C GLU C 323 17.82 15.59 -11.22
N ARG C 324 17.76 15.02 -12.42
CA ARG C 324 16.49 14.51 -12.94
C ARG C 324 16.08 13.24 -12.22
N ALA C 325 17.05 12.44 -11.77
CA ALA C 325 16.74 11.21 -11.04
C ALA C 325 16.36 11.49 -9.59
N LEU C 326 16.93 12.54 -8.98
CA LEU C 326 16.65 12.86 -7.59
C LEU C 326 15.39 13.71 -7.45
N VAL D 37 -18.60 -4.37 -22.26
CA VAL D 37 -17.60 -3.47 -21.71
C VAL D 37 -17.81 -3.25 -20.21
N THR D 38 -16.70 -3.33 -19.46
CA THR D 38 -16.71 -3.05 -18.03
C THR D 38 -15.95 -1.76 -17.79
N ILE D 39 -16.59 -0.81 -17.11
CA ILE D 39 -16.03 0.53 -16.91
C ILE D 39 -15.77 0.72 -15.42
N GLY D 40 -14.51 0.96 -15.07
CA GLY D 40 -14.13 1.21 -13.70
C GLY D 40 -14.31 2.67 -13.33
N LEU D 41 -14.81 2.89 -12.12
CA LEU D 41 -15.09 4.22 -11.61
C LEU D 41 -14.32 4.47 -10.32
N ALA D 42 -14.18 5.74 -9.97
CA ALA D 42 -13.48 6.17 -8.77
C ALA D 42 -14.07 7.49 -8.32
N HIS D 43 -13.82 7.84 -7.05
CA HIS D 43 -14.23 9.16 -6.57
C HIS D 43 -13.35 10.23 -7.19
N ALA D 44 -13.97 11.26 -7.74
CA ALA D 44 -13.27 12.41 -8.32
C ALA D 44 -13.50 13.61 -7.41
N GLU D 45 -12.43 14.09 -6.78
CA GLU D 45 -12.49 15.21 -5.86
C GLU D 45 -11.74 16.40 -6.44
N LEU D 46 -12.32 17.59 -6.27
CA LEU D 46 -11.70 18.85 -6.66
C LEU D 46 -11.23 19.54 -5.39
N ILE D 47 -9.96 19.93 -5.34
CA ILE D 47 -9.34 20.43 -4.11
C ILE D 47 -8.68 21.78 -4.41
N ALA D 48 -8.92 22.75 -3.54
CA ALA D 48 -8.51 24.12 -3.78
C ALA D 48 -7.38 24.51 -2.83
N VAL D 49 -6.32 25.08 -3.41
CA VAL D 49 -5.24 25.72 -2.67
C VAL D 49 -5.37 27.20 -2.97
N VAL D 50 -6.00 27.96 -2.08
CA VAL D 50 -6.23 29.39 -2.26
C VAL D 50 -5.34 30.13 -1.28
N THR D 51 -4.40 30.90 -1.80
CA THR D 51 -3.34 31.52 -1.01
C THR D 51 -3.52 33.03 -0.94
N ALA D 52 -3.28 33.58 0.26
CA ALA D 52 -3.19 35.01 0.46
C ALA D 52 -1.96 35.31 1.32
N ILE D 53 -1.55 36.57 1.32
CA ILE D 53 -0.48 37.04 2.18
C ILE D 53 -1.06 38.10 3.10
N THR D 54 -1.04 37.84 4.40
CA THR D 54 -1.61 38.73 5.40
C THR D 54 -0.60 38.93 6.52
N THR D 55 -0.31 40.18 6.84
CA THR D 55 0.73 40.54 7.82
C THR D 55 2.03 39.81 7.52
N ASP D 56 2.37 39.76 6.23
CA ASP D 56 3.58 39.10 5.72
C ASP D 56 3.66 37.63 6.12
N GLU D 57 2.50 36.98 6.27
CA GLU D 57 2.44 35.55 6.52
C GLU D 57 1.63 34.90 5.40
N PRO D 58 2.22 34.00 4.60
CA PRO D 58 1.44 33.32 3.57
C PRO D 58 0.48 32.34 4.20
N ARG D 59 -0.79 32.44 3.81
CA ARG D 59 -1.85 31.62 4.39
C ARG D 59 -2.58 30.87 3.28
N VAL D 60 -3.28 29.82 3.68
CA VAL D 60 -4.12 29.06 2.77
C VAL D 60 -5.51 28.91 3.41
N MET D 61 -6.54 29.00 2.57
CA MET D 61 -7.90 28.85 3.04
C MET D 61 -8.17 27.40 3.39
N THR D 62 -8.78 27.17 4.56
CA THR D 62 -9.02 25.83 5.05
C THR D 62 -10.47 25.68 5.51
N VAL D 63 -10.85 24.42 5.72
CA VAL D 63 -12.14 24.06 6.30
C VAL D 63 -11.87 23.05 7.40
N ARG D 64 -12.93 22.69 8.12
CA ARG D 64 -12.86 21.72 9.21
C ARG D 64 -11.75 22.10 10.19
N GLU D 65 -11.81 23.35 10.67
CA GLU D 65 -10.90 23.89 11.68
C GLU D 65 -9.44 23.73 11.27
N GLY D 66 -9.15 23.96 10.00
CA GLY D 66 -7.79 23.90 9.51
C GLY D 66 -7.25 22.52 9.21
N ALA D 67 -8.08 21.49 9.29
CA ALA D 67 -7.63 20.14 9.02
C ALA D 67 -7.74 19.76 7.55
N ALA D 68 -8.37 20.58 6.72
CA ALA D 68 -8.55 20.22 5.32
C ALA D 68 -8.66 21.48 4.47
N LEU D 69 -8.37 21.31 3.18
CA LEU D 69 -8.59 22.33 2.18
C LEU D 69 -10.02 22.26 1.68
N PRO D 70 -10.55 23.35 1.10
CA PRO D 70 -11.90 23.28 0.54
C PRO D 70 -11.93 22.31 -0.63
N SER D 71 -12.90 21.39 -0.59
CA SER D 71 -12.99 20.36 -1.63
C SER D 71 -14.42 19.87 -1.74
N GLY D 72 -14.69 19.19 -2.85
CA GLY D 72 -15.96 18.55 -3.10
C GLY D 72 -15.88 17.65 -4.33
N PRO D 73 -16.87 16.79 -4.51
CA PRO D 73 -16.84 15.86 -5.64
C PRO D 73 -17.08 16.54 -6.98
N PHE D 74 -16.50 15.96 -8.02
CA PHE D 74 -16.79 16.35 -9.40
C PHE D 74 -18.10 15.68 -9.80
N GLU D 75 -19.12 16.49 -10.07
CA GLU D 75 -20.49 16.01 -10.25
C GLU D 75 -20.93 16.15 -11.70
N PHE D 76 -22.08 15.52 -12.00
CA PHE D 76 -22.63 15.56 -13.35
C PHE D 76 -22.98 16.98 -13.78
N GLY D 77 -23.46 17.80 -12.84
CA GLY D 77 -23.92 19.13 -13.20
C GLY D 77 -22.81 20.13 -13.50
N HIS D 78 -21.58 19.82 -13.09
CA HIS D 78 -20.47 20.75 -13.23
C HIS D 78 -19.99 20.79 -14.68
N ARG D 79 -20.02 21.97 -15.30
CA ARG D 79 -19.62 22.07 -16.70
C ARG D 79 -18.15 21.72 -16.88
N THR D 80 -17.29 22.27 -16.03
CA THR D 80 -15.86 22.01 -16.06
C THR D 80 -15.37 21.66 -14.67
N LEU D 81 -14.13 21.16 -14.61
CA LEU D 81 -13.48 20.91 -13.33
C LEU D 81 -13.33 22.21 -12.54
N GLN D 82 -12.85 23.27 -13.20
CA GLN D 82 -12.68 24.54 -12.53
C GLN D 82 -14.01 25.09 -12.02
N SER D 83 -15.07 25.02 -12.84
CA SER D 83 -16.35 25.57 -12.44
C SER D 83 -16.97 24.76 -11.31
N GLY D 84 -16.69 23.45 -11.26
CA GLY D 84 -17.19 22.65 -10.16
C GLY D 84 -16.48 22.95 -8.85
N LEU D 85 -15.18 23.28 -8.92
CA LEU D 85 -14.46 23.65 -7.71
C LEU D 85 -14.95 24.99 -7.17
N ARG D 86 -15.21 25.96 -8.06
CA ARG D 86 -15.73 27.25 -7.62
C ARG D 86 -17.03 27.10 -6.85
N GLU D 87 -17.87 26.13 -7.23
CA GLU D 87 -19.10 25.89 -6.47
C GLU D 87 -18.78 25.40 -5.06
N TRP D 88 -17.76 24.55 -4.91
CA TRP D 88 -17.44 24.06 -3.58
C TRP D 88 -16.73 25.14 -2.75
N ILE D 89 -15.86 25.93 -3.37
CA ILE D 89 -15.23 27.05 -2.65
C ILE D 89 -16.30 28.00 -2.14
N HIS D 90 -17.26 28.35 -2.99
CA HIS D 90 -18.27 29.33 -2.63
C HIS D 90 -19.13 28.84 -1.47
N GLU D 91 -19.62 27.60 -1.55
CA GLU D 91 -20.52 27.07 -0.53
C GLU D 91 -19.81 26.73 0.77
N GLN D 92 -18.50 26.49 0.73
CA GLN D 92 -17.77 26.15 1.95
C GLN D 92 -17.04 27.33 2.58
N THR D 93 -16.70 28.36 1.80
CA THR D 93 -15.95 29.48 2.36
C THR D 93 -16.62 30.83 2.08
N HIS D 94 -17.36 30.92 0.98
CA HIS D 94 -17.98 32.17 0.52
C HIS D 94 -16.95 33.27 0.26
N HIS D 95 -15.68 32.90 0.08
CA HIS D 95 -14.64 33.87 -0.21
C HIS D 95 -14.53 34.08 -1.72
N PRO D 96 -14.38 35.32 -2.18
CA PRO D 96 -14.21 35.55 -3.62
C PRO D 96 -12.91 34.93 -4.12
N VAL D 97 -12.95 34.44 -5.35
CA VAL D 97 -11.80 33.80 -5.97
C VAL D 97 -11.67 34.31 -7.40
N GLY D 98 -10.44 34.64 -7.80
CA GLY D 98 -10.16 35.06 -9.16
C GLY D 98 -9.73 33.91 -10.05
N TYR D 99 -8.56 34.04 -10.67
CA TYR D 99 -8.06 33.01 -11.57
C TYR D 99 -7.65 31.76 -10.79
N LEU D 100 -7.81 30.60 -11.43
CA LEU D 100 -7.36 29.33 -10.91
C LEU D 100 -6.52 28.63 -11.97
N GLU D 101 -5.46 27.95 -11.56
CA GLU D 101 -4.68 27.13 -12.47
C GLU D 101 -4.54 25.74 -11.87
N GLN D 102 -4.62 24.72 -12.74
CA GLN D 102 -4.60 23.34 -12.28
C GLN D 102 -3.22 22.98 -11.75
N LEU D 103 -3.19 22.30 -10.61
CA LEU D 103 -1.93 21.99 -9.94
C LEU D 103 -1.42 20.61 -10.36
N TYR D 104 -2.02 19.56 -9.79
CA TYR D 104 -1.57 18.19 -9.99
C TYR D 104 -2.72 17.26 -9.64
N THR D 105 -2.71 16.08 -10.24
CA THR D 105 -3.71 15.06 -10.00
C THR D 105 -3.06 13.84 -9.34
N PHE D 106 -3.62 13.39 -8.23
CA PHE D 106 -3.08 12.30 -7.43
C PHE D 106 -4.11 11.20 -7.24
N ALA D 107 -3.66 9.95 -7.26
CA ALA D 107 -4.46 8.86 -6.75
C ALA D 107 -4.27 8.75 -5.24
N ASP D 108 -5.30 8.30 -4.55
CA ASP D 108 -5.21 8.13 -3.10
C ASP D 108 -4.15 7.10 -2.74
N ARG D 109 -3.66 7.19 -1.51
CA ARG D 109 -2.72 6.24 -0.93
C ARG D 109 -3.32 5.62 0.32
N ASP D 110 -4.61 5.29 0.27
CA ASP D 110 -5.32 4.81 1.45
C ASP D 110 -4.82 3.43 1.85
N ARG D 111 -4.54 3.25 3.13
CA ARG D 111 -4.28 1.94 3.70
C ARG D 111 -5.50 1.36 4.39
N ASN D 112 -6.43 2.20 4.82
CA ASN D 112 -7.70 1.72 5.36
C ASN D 112 -8.51 1.02 4.27
N GLY D 117 -13.89 -0.31 -1.10
CA GLY D 117 -13.85 1.04 -0.56
C GLY D 117 -13.81 2.11 -1.63
N GLY D 118 -13.28 1.76 -2.80
CA GLY D 118 -13.18 2.69 -3.90
C GLY D 118 -11.96 3.59 -3.83
N ARG D 119 -11.31 3.80 -4.97
CA ARG D 119 -10.20 4.75 -5.02
C ARG D 119 -10.72 6.17 -5.15
N THR D 120 -9.88 7.12 -4.78
CA THR D 120 -10.17 8.54 -4.95
C THR D 120 -9.09 9.18 -5.80
N ILE D 121 -9.50 9.98 -6.77
CA ILE D 121 -8.59 10.76 -7.61
C ILE D 121 -8.82 12.22 -7.27
N SER D 122 -7.75 12.91 -6.88
CA SER D 122 -7.81 14.29 -6.39
C SER D 122 -7.17 15.23 -7.39
N ILE D 123 -7.91 16.26 -7.78
CA ILE D 123 -7.46 17.24 -8.75
C ILE D 123 -7.34 18.59 -8.02
N GLY D 124 -6.12 19.08 -7.89
CA GLY D 124 -5.85 20.31 -7.17
C GLY D 124 -5.76 21.51 -8.08
N TYR D 125 -6.20 22.65 -7.55
CA TYR D 125 -6.10 23.93 -8.24
C TYR D 125 -5.47 24.96 -7.30
N LEU D 126 -4.76 25.92 -7.89
CA LEU D 126 -4.10 26.98 -7.15
C LEU D 126 -4.78 28.30 -7.45
N GLY D 127 -5.09 29.06 -6.39
CA GLY D 127 -5.62 30.40 -6.56
C GLY D 127 -4.96 31.41 -5.64
N LEU D 128 -4.76 32.62 -6.14
CA LEU D 128 -4.19 33.72 -5.36
C LEU D 128 -5.26 34.78 -5.15
N VAL D 129 -5.44 35.22 -3.91
CA VAL D 129 -6.45 36.21 -3.55
C VAL D 129 -5.91 37.11 -2.45
N ARG D 130 -6.70 38.12 -2.10
CA ARG D 130 -6.48 38.90 -0.89
C ARG D 130 -7.46 38.42 0.18
N GLU D 131 -6.95 38.21 1.39
CA GLU D 131 -7.80 37.79 2.50
C GLU D 131 -8.80 38.89 2.83
N GLN D 132 -10.08 38.53 2.91
CA GLN D 132 -11.14 39.50 3.14
C GLN D 132 -12.34 38.82 3.75
N GLU D 133 -13.28 39.63 4.23
CA GLU D 133 -14.49 39.12 4.89
C GLU D 133 -15.66 39.07 3.92
N ALA D 140 -14.37 33.38 5.78
CA ALA D 140 -13.59 32.16 5.58
C ALA D 140 -12.49 32.05 6.62
N PHE D 141 -11.89 30.87 6.72
CA PHE D 141 -10.85 30.58 7.71
C PHE D 141 -9.52 30.35 7.02
N TRP D 142 -8.45 30.84 7.64
CA TRP D 142 -7.13 30.85 7.03
C TRP D 142 -6.09 30.36 8.03
N HIS D 143 -5.20 29.50 7.57
CA HIS D 143 -4.06 29.07 8.37
C HIS D 143 -2.79 29.29 7.58
N GLY D 144 -1.71 29.61 8.27
CA GLY D 144 -0.46 29.89 7.61
C GLY D 144 0.10 28.64 6.96
N TRP D 145 0.76 28.85 5.81
CA TRP D 145 1.49 27.77 5.16
C TRP D 145 2.34 27.00 6.16
N TYR D 146 3.08 27.73 6.98
CA TYR D 146 4.14 27.16 7.79
C TYR D 146 3.66 26.56 9.10
N GLU D 147 2.36 26.64 9.40
CA GLU D 147 1.80 25.72 10.39
C GLU D 147 1.91 24.30 9.90
N TYR D 148 1.66 24.08 8.61
CA TYR D 148 1.72 22.74 8.04
C TYR D 148 3.14 22.38 7.62
N PHE D 149 3.93 23.35 7.20
CA PHE D 149 5.28 23.12 6.67
C PHE D 149 6.27 24.04 7.39
N PRO D 150 6.48 23.85 8.69
CA PRO D 150 7.38 24.77 9.43
C PRO D 150 8.82 24.73 8.96
N TRP D 151 9.27 23.62 8.38
CA TRP D 151 10.64 23.51 7.89
C TRP D 151 10.86 24.24 6.56
N GLU D 152 9.82 24.82 5.97
CA GLU D 152 9.93 25.48 4.68
C GLU D 152 10.19 26.98 4.78
N ASP D 153 10.16 27.56 5.98
CA ASP D 153 10.36 28.98 6.18
C ASP D 153 11.75 29.22 6.72
N HIS D 154 12.63 29.75 5.88
CA HIS D 154 14.01 30.06 6.25
C HIS D 154 14.28 31.56 6.27
N ARG D 155 13.24 32.39 6.43
CA ARG D 155 13.42 33.83 6.39
C ARG D 155 14.34 34.31 7.51
N GLN D 156 14.25 33.70 8.69
CA GLN D 156 15.14 34.01 9.80
C GLN D 156 16.23 32.96 9.98
N GLY D 157 16.68 32.35 8.88
CA GLY D 157 17.68 31.32 8.93
C GLY D 157 17.08 29.93 8.94
N ARG D 158 17.95 28.94 8.90
CA ARG D 158 17.56 27.54 8.93
C ARG D 158 16.77 27.27 10.21
N PRO D 159 15.52 26.82 10.12
CA PRO D 159 14.74 26.55 11.34
C PRO D 159 15.29 25.36 12.09
N ASP D 160 15.23 25.43 13.42
CA ASP D 160 15.80 24.39 14.26
C ASP D 160 15.02 23.08 14.18
N ILE D 161 13.80 23.10 13.62
CA ILE D 161 13.07 21.85 13.42
C ILE D 161 13.79 20.96 12.41
N LEU D 162 14.61 21.54 11.54
CA LEU D 162 15.34 20.73 10.56
C LEU D 162 16.35 19.81 11.21
N ASP D 163 16.91 20.20 12.35
CA ASP D 163 17.86 19.34 13.04
C ASP D 163 17.21 18.02 13.43
N SER D 164 16.01 18.07 14.03
CA SER D 164 15.33 16.85 14.41
C SER D 164 14.81 16.09 13.19
N ILE D 165 14.50 16.79 12.10
CA ILE D 165 14.04 16.12 10.88
C ILE D 165 15.19 15.36 10.23
N ILE D 166 16.35 16.02 10.10
CA ILE D 166 17.53 15.37 9.51
C ILE D 166 17.95 14.18 10.34
N ASP D 167 17.82 14.27 11.67
CA ASP D 167 18.18 13.15 12.53
C ASP D 167 17.34 11.92 12.22
N LYS D 168 16.01 12.07 12.27
CA LYS D 168 15.12 10.96 11.93
C LYS D 168 15.30 10.52 10.48
N LEU D 169 15.58 11.46 9.58
CA LEU D 169 15.81 11.11 8.19
C LEU D 169 17.12 10.32 8.04
N ARG D 170 18.16 10.71 8.79
CA ARG D 170 19.42 9.98 8.76
C ARG D 170 19.26 8.57 9.30
N ALA D 171 18.55 8.42 10.42
CA ALA D 171 18.28 7.09 10.95
C ALA D 171 17.51 6.24 9.95
N TRP D 172 16.57 6.86 9.22
CA TRP D 172 15.85 6.12 8.20
C TRP D 172 16.76 5.72 7.05
N ALA D 173 17.65 6.62 6.62
CA ALA D 173 18.53 6.31 5.50
C ALA D 173 19.54 5.24 5.84
N ASP D 174 20.00 5.18 7.09
CA ASP D 174 20.97 4.20 7.53
C ASP D 174 20.33 2.90 8.00
N SER D 175 18.99 2.80 7.96
CA SER D 175 18.33 1.60 8.45
C SER D 175 18.70 0.37 7.64
N GLU D 176 18.74 0.50 6.32
CA GLU D 176 19.11 -0.59 5.42
C GLU D 176 20.34 -0.18 4.62
N PRO D 177 21.51 -0.71 4.95
CA PRO D 177 22.71 -0.45 4.12
C PRO D 177 22.49 -0.73 2.63
N ASP D 178 21.61 -1.67 2.30
CA ASP D 178 21.26 -1.95 0.92
C ASP D 178 20.64 -0.75 0.23
N SER D 179 19.99 0.12 1.00
CA SER D 179 19.34 1.31 0.48
C SER D 179 20.01 2.59 0.94
N ARG D 180 21.07 2.49 1.74
CA ARG D 180 21.65 3.67 2.38
C ARG D 180 22.18 4.67 1.36
N ALA D 181 22.80 4.18 0.29
CA ALA D 181 23.42 5.07 -0.69
C ALA D 181 22.37 5.89 -1.44
N GLN D 182 21.37 5.21 -2.02
CA GLN D 182 20.35 5.92 -2.78
C GLN D 182 19.48 6.79 -1.88
N ARG D 183 19.24 6.37 -0.64
CA ARG D 183 18.42 7.17 0.27
C ARG D 183 19.17 8.41 0.74
N HIS D 184 20.49 8.31 0.93
CA HIS D 184 21.27 9.49 1.30
C HIS D 184 21.30 10.51 0.17
N LEU D 185 21.43 10.05 -1.07
CA LEU D 185 21.44 10.97 -2.21
C LEU D 185 20.13 11.74 -2.31
N ARG D 186 19.01 11.06 -2.11
CA ARG D 186 17.72 11.75 -2.17
C ARG D 186 17.53 12.67 -0.96
N ALA D 187 17.88 12.20 0.24
CA ALA D 187 17.73 13.05 1.42
C ALA D 187 18.68 14.23 1.40
N ASP D 188 19.79 14.13 0.65
CA ASP D 188 20.69 15.27 0.48
C ASP D 188 20.20 16.23 -0.58
N PHE D 189 19.50 15.72 -1.60
CA PHE D 189 18.96 16.57 -2.65
C PHE D 189 17.79 17.40 -2.15
N THR D 190 16.87 16.77 -1.42
CA THR D 190 15.69 17.48 -0.92
C THR D 190 16.04 18.31 0.32
N PHE D 191 16.39 17.65 1.41
CA PHE D 191 16.80 18.31 2.63
C PHE D 191 18.32 18.54 2.56
N ASP D 194 23.43 15.01 3.53
CA ASP D 194 24.83 14.94 3.14
C ASP D 194 25.32 16.32 2.69
N GLY D 195 25.09 17.35 3.51
CA GLY D 195 25.35 18.70 3.04
C GLY D 195 24.30 19.13 2.04
N GLY D 196 24.74 19.75 0.95
CA GLY D 196 23.82 20.20 -0.08
C GLY D 196 23.02 21.42 0.32
N GLY D 197 23.01 22.43 -0.55
CA GLY D 197 22.30 23.67 -0.27
C GLY D 197 20.78 23.48 -0.26
N TRP D 198 20.09 24.57 0.06
CA TRP D 198 18.65 24.56 0.20
C TRP D 198 18.00 25.07 -1.08
N ASN D 199 17.15 24.25 -1.67
CA ASN D 199 16.34 24.63 -2.82
C ASN D 199 14.89 24.73 -2.38
N GLU D 200 14.32 25.95 -2.46
CA GLU D 200 12.98 26.17 -1.93
C GLU D 200 11.90 25.63 -2.85
N GLU D 201 12.21 25.38 -4.13
CA GLU D 201 11.23 24.80 -5.05
C GLU D 201 10.85 23.38 -4.68
N LEU D 202 11.70 22.65 -3.97
CA LEU D 202 11.52 21.22 -3.74
C LEU D 202 10.60 20.92 -2.55
N THR D 203 9.51 21.67 -2.42
CA THR D 203 8.61 21.46 -1.29
C THR D 203 7.90 20.12 -1.38
N LEU D 204 7.42 19.75 -2.56
CA LEU D 204 6.73 18.47 -2.72
C LEU D 204 7.69 17.30 -2.55
N GLN D 205 8.88 17.38 -3.16
CA GLN D 205 9.84 16.30 -3.01
C GLN D 205 10.23 16.10 -1.56
N ARG D 206 10.40 17.18 -0.81
CA ARG D 206 10.71 17.06 0.61
C ARG D 206 9.59 16.36 1.36
N TYR D 207 8.33 16.66 1.02
CA TYR D 207 7.21 16.06 1.74
C TYR D 207 7.04 14.59 1.37
N GLU D 208 7.16 14.27 0.07
CA GLU D 208 7.09 12.88 -0.36
C GLU D 208 8.13 12.02 0.33
N LEU D 209 9.32 12.58 0.60
CA LEU D 209 10.36 11.80 1.27
C LEU D 209 10.01 11.57 2.73
N LEU D 210 9.52 12.60 3.41
CA LEU D 210 9.08 12.44 4.80
C LEU D 210 7.95 11.41 4.88
N TYR D 211 7.05 11.40 3.89
CA TYR D 211 5.98 10.42 3.88
C TYR D 211 6.53 9.01 3.72
N GLU D 212 7.42 8.81 2.75
CA GLU D 212 8.04 7.50 2.54
C GLU D 212 8.80 7.04 3.76
N ALA D 213 9.38 7.96 4.52
CA ALA D 213 10.11 7.63 5.74
C ALA D 213 9.22 7.54 6.97
N GLY D 214 7.92 7.75 6.82
CA GLY D 214 7.00 7.70 7.95
C GLY D 214 7.25 8.78 8.99
N LEU D 215 7.61 9.98 8.56
CA LEU D 215 7.90 11.09 9.46
C LEU D 215 6.78 12.14 9.46
N VAL D 216 5.66 11.86 8.82
CA VAL D 216 4.46 12.70 8.89
C VAL D 216 3.29 11.79 9.25
N GLY D 217 2.33 12.36 9.99
CA GLY D 217 1.26 11.54 10.55
C GLY D 217 0.40 10.85 9.51
N GLU D 218 0.32 11.42 8.30
CA GLU D 218 -0.47 10.82 7.23
C GLU D 218 0.07 9.47 6.80
N ALA D 219 1.36 9.22 6.97
CA ALA D 219 1.97 7.95 6.60
C ALA D 219 1.62 6.88 7.63
N ILE D 225 5.84 9.31 14.63
CA ILE D 225 6.61 10.51 14.33
C ILE D 225 5.87 11.42 13.35
N ASN D 226 5.81 12.72 13.66
CA ASN D 226 5.15 13.68 12.80
C ASN D 226 5.77 15.07 12.99
N PHE D 227 5.93 15.78 11.87
CA PHE D 227 6.39 17.16 11.87
C PHE D 227 5.37 18.03 11.14
N GLY D 228 5.08 19.21 11.69
CA GLY D 228 4.10 20.11 11.13
C GLY D 228 2.68 19.66 11.39
N ARG D 229 1.69 20.52 11.16
CA ARG D 229 0.31 20.13 11.41
C ARG D 229 -0.19 19.23 10.28
N PRO D 230 -0.69 18.03 10.58
CA PRO D 230 -1.20 17.16 9.53
C PRO D 230 -2.55 17.61 9.02
N MET D 231 -2.99 16.98 7.93
CA MET D 231 -4.28 17.27 7.31
C MET D 231 -4.95 15.96 6.94
N PHE D 232 -6.26 16.03 6.75
CA PHE D 232 -7.02 14.86 6.32
C PHE D 232 -6.55 14.41 4.93
N ALA D 233 -6.67 13.11 4.69
CA ALA D 233 -6.39 12.49 3.39
C ALA D 233 -4.98 12.90 2.96
N ASP D 234 -4.77 13.32 1.71
CA ASP D 234 -3.47 13.80 1.24
C ASP D 234 -3.52 15.30 0.92
N HIS D 235 -4.22 16.06 1.76
CA HIS D 235 -4.35 17.49 1.49
C HIS D 235 -3.04 18.24 1.69
N ARG D 236 -2.19 17.79 2.62
CA ARG D 236 -0.87 18.40 2.74
C ARG D 236 -0.04 18.15 1.49
N ARG D 237 -0.22 17.00 0.86
CA ARG D 237 0.46 16.73 -0.40
C ARG D 237 0.02 17.73 -1.47
N ILE D 238 -1.30 17.99 -1.57
CA ILE D 238 -1.80 18.99 -2.50
C ILE D 238 -1.23 20.36 -2.15
N LEU D 239 -1.24 20.71 -0.86
CA LEU D 239 -0.70 22.00 -0.43
C LEU D 239 0.79 22.10 -0.77
N ALA D 240 1.54 21.02 -0.57
CA ALA D 240 2.95 21.03 -0.95
C ALA D 240 3.12 21.28 -2.44
N THR D 241 2.19 20.76 -3.25
CA THR D 241 2.26 21.00 -4.69
C THR D 241 1.92 22.43 -5.05
N GLY D 242 1.04 23.06 -4.26
CA GLY D 242 0.71 24.45 -4.51
C GLY D 242 1.84 25.39 -4.13
N ILE D 243 2.49 25.13 -2.99
CA ILE D 243 3.64 25.92 -2.59
C ILE D 243 4.76 25.80 -3.62
N ALA D 244 5.03 24.58 -4.09
CA ALA D 244 6.09 24.38 -5.07
C ALA D 244 5.79 25.11 -6.37
N ARG D 245 4.56 25.01 -6.86
CA ARG D 245 4.19 25.68 -8.10
C ARG D 245 4.38 27.18 -7.99
N LEU D 246 3.91 27.77 -6.90
CA LEU D 246 4.03 29.22 -6.73
C LEU D 246 5.48 29.65 -6.58
N ARG D 247 6.27 28.90 -5.82
CA ARG D 247 7.69 29.22 -5.68
C ARG D 247 8.43 29.11 -7.01
N ALA D 248 7.94 28.25 -7.91
CA ALA D 248 8.55 28.15 -9.24
C ALA D 248 8.22 29.37 -10.09
N LYS D 249 6.97 29.85 -10.01
CA LYS D 249 6.58 31.01 -10.80
C LYS D 249 7.34 32.26 -10.36
N ILE D 250 7.38 32.51 -9.04
CA ILE D 250 7.94 33.76 -8.55
C ILE D 250 9.44 33.84 -8.70
N LYS D 251 10.13 32.70 -8.82
CA LYS D 251 11.58 32.75 -8.93
C LYS D 251 12.04 33.48 -10.20
N TYR D 252 11.24 33.41 -11.26
CA TYR D 252 11.63 34.01 -12.54
C TYR D 252 10.69 35.11 -13.01
N ARG D 253 9.39 34.97 -12.81
CA ARG D 253 8.42 35.98 -13.25
C ARG D 253 7.32 36.12 -12.20
N PRO D 254 7.58 36.91 -11.15
CA PRO D 254 6.59 37.05 -10.07
C PRO D 254 5.35 37.83 -10.46
N VAL D 255 4.39 37.16 -11.08
CA VAL D 255 3.10 37.74 -11.43
C VAL D 255 2.17 37.46 -10.24
N VAL D 256 2.14 38.40 -9.29
CA VAL D 256 1.41 38.19 -8.05
C VAL D 256 0.50 39.37 -7.76
N PHE D 257 -0.09 39.96 -8.80
CA PHE D 257 -0.95 41.12 -8.61
C PHE D 257 -2.23 40.80 -7.84
N GLU D 258 -2.63 39.52 -7.81
CA GLU D 258 -3.80 39.13 -7.04
C GLU D 258 -3.52 39.06 -5.54
N LEU D 259 -2.26 38.93 -5.14
CA LEU D 259 -1.89 38.91 -3.74
C LEU D 259 -1.63 40.30 -3.17
N MET D 260 -1.18 41.23 -4.00
CA MET D 260 -0.87 42.58 -3.56
C MET D 260 -2.10 43.47 -3.65
N ALA D 261 -2.03 44.60 -2.96
CA ALA D 261 -3.02 45.64 -3.15
C ALA D 261 -2.87 46.25 -4.54
N ASP D 262 -3.82 47.13 -4.90
CA ASP D 262 -3.80 47.73 -6.23
C ASP D 262 -2.50 48.47 -6.48
N SER D 263 -1.95 49.13 -5.46
CA SER D 263 -0.65 49.77 -5.54
C SER D 263 0.16 49.38 -4.32
N PHE D 264 1.49 49.41 -4.46
CA PHE D 264 2.38 48.89 -3.43
C PHE D 264 3.77 49.47 -3.65
N THR D 265 4.60 49.37 -2.63
CA THR D 265 6.00 49.74 -2.75
C THR D 265 6.84 48.53 -3.16
N LEU D 266 8.08 48.80 -3.56
CA LEU D 266 8.99 47.71 -3.93
C LEU D 266 9.39 46.88 -2.71
N LEU D 267 9.49 47.50 -1.54
CA LEU D 267 9.80 46.74 -0.34
C LEU D 267 8.62 45.85 0.04
N GLN D 268 7.40 46.32 -0.16
CA GLN D 268 6.24 45.49 0.13
C GLN D 268 6.15 44.31 -0.82
N LEU D 269 6.44 44.54 -2.11
CA LEU D 269 6.50 43.44 -3.07
C LEU D 269 7.58 42.44 -2.70
N GLN D 270 8.74 42.93 -2.27
CA GLN D 270 9.82 42.03 -1.88
C GLN D 270 9.43 41.20 -0.66
N ARG D 271 8.84 41.84 0.35
CA ARG D 271 8.43 41.11 1.55
C ARG D 271 7.38 40.05 1.22
N ALA D 272 6.52 40.30 0.24
CA ALA D 272 5.54 39.30 -0.16
C ALA D 272 6.20 38.11 -0.82
N ILE D 273 7.14 38.37 -1.74
CA ILE D 273 7.85 37.28 -2.40
C ILE D 273 8.69 36.50 -1.40
N GLU D 274 9.32 37.20 -0.46
CA GLU D 274 10.12 36.54 0.56
C GLU D 274 9.26 35.65 1.45
N ALA D 275 7.99 36.02 1.65
CA ALA D 275 7.10 35.20 2.46
C ALA D 275 6.67 33.95 1.69
N LEU D 276 6.46 34.08 0.38
CA LEU D 276 6.09 32.92 -0.43
C LEU D 276 7.26 31.95 -0.58
N ALA D 277 8.47 32.48 -0.78
CA ALA D 277 9.63 31.63 -1.00
C ALA D 277 10.23 31.09 0.29
N GLY D 278 9.92 31.70 1.44
CA GLY D 278 10.56 31.28 2.67
C GLY D 278 12.01 31.68 2.79
N LEU D 279 12.44 32.70 2.06
CA LEU D 279 13.82 33.16 2.05
C LEU D 279 13.85 34.68 2.00
N THR D 280 14.84 35.27 2.66
CA THR D 280 15.11 36.68 2.50
C THR D 280 15.98 36.89 1.26
N LEU D 281 15.63 37.89 0.46
CA LEU D 281 16.20 38.06 -0.87
C LEU D 281 17.17 39.23 -0.92
N HIS D 282 18.07 39.16 -1.90
CA HIS D 282 18.96 40.28 -2.19
C HIS D 282 18.16 41.45 -2.72
N LYS D 283 18.31 42.61 -2.07
CA LYS D 283 17.49 43.78 -2.38
C LYS D 283 17.76 44.26 -3.81
N GLN D 284 19.03 44.51 -4.15
CA GLN D 284 19.35 45.04 -5.46
C GLN D 284 19.05 44.03 -6.56
N ASN D 285 19.38 42.76 -6.33
CA ASN D 285 19.08 41.71 -7.30
C ASN D 285 17.58 41.60 -7.56
N PHE D 286 16.76 41.79 -6.52
CA PHE D 286 15.32 41.73 -6.72
C PHE D 286 14.82 42.94 -7.49
N ARG D 287 15.42 44.12 -7.25
CA ARG D 287 15.01 45.33 -7.93
C ARG D 287 15.22 45.24 -9.43
N ARG D 288 16.38 44.72 -9.84
CA ARG D 288 16.68 44.57 -11.26
C ARG D 288 16.01 43.35 -11.89
N LEU D 289 15.45 42.45 -11.08
CA LEU D 289 14.62 41.40 -11.66
C LEU D 289 13.25 41.92 -12.06
N ILE D 290 12.64 42.75 -11.21
CA ILE D 290 11.34 43.34 -11.52
C ILE D 290 11.46 44.31 -12.70
N GLU D 291 12.60 45.00 -12.78
CA GLU D 291 12.81 45.93 -13.89
C GLU D 291 13.02 45.17 -15.19
N GLN D 292 13.85 44.12 -15.17
CA GLN D 292 14.14 43.36 -16.38
C GLN D 292 12.93 42.60 -16.88
N GLN D 293 11.93 42.34 -16.05
CA GLN D 293 10.78 41.53 -16.42
C GLN D 293 9.59 42.35 -16.91
N GLN D 294 9.68 43.69 -16.91
CA GLN D 294 8.62 44.56 -17.41
C GLN D 294 7.30 44.32 -16.66
N LEU D 295 7.41 44.17 -15.34
CA LEU D 295 6.27 43.74 -14.53
C LEU D 295 5.46 44.89 -13.96
N VAL D 296 6.11 45.90 -13.39
CA VAL D 296 5.40 46.96 -12.69
C VAL D 296 5.71 48.32 -13.30
N GLU D 297 5.06 49.35 -12.76
CA GLU D 297 5.21 50.73 -13.21
C GLU D 297 4.79 51.65 -12.08
N GLU D 298 5.39 52.83 -12.04
CA GLU D 298 5.07 53.78 -10.99
C GLU D 298 3.66 54.34 -11.17
N THR D 299 2.95 54.50 -10.06
CA THR D 299 1.62 55.08 -10.09
C THR D 299 1.65 56.60 -10.06
N GLY D 300 2.83 57.19 -9.83
CA GLY D 300 2.94 58.62 -9.66
C GLY D 300 2.70 59.10 -8.24
N ASP D 301 2.23 58.24 -7.35
CA ASP D 301 1.96 58.62 -5.98
C ASP D 301 3.07 58.12 -5.06
N MET D 302 3.18 58.79 -3.91
CA MET D 302 4.20 58.47 -2.92
C MET D 302 3.53 57.83 -1.70
N ALA D 303 4.31 57.02 -0.98
CA ALA D 303 3.84 56.35 0.23
C ALA D 303 4.92 56.47 1.30
N THR D 304 4.62 55.92 2.48
CA THR D 304 5.53 55.92 3.61
C THR D 304 5.94 54.49 3.93
N GLU D 305 7.23 54.20 3.84
CA GLU D 305 7.72 52.88 4.20
C GLU D 305 7.65 52.67 5.71
N THR D 306 7.65 51.39 6.11
CA THR D 306 7.87 51.05 7.51
C THR D 306 9.20 51.63 7.96
N GLY D 307 9.17 52.39 9.06
CA GLY D 307 10.31 53.15 9.50
C GLY D 307 10.19 54.64 9.28
N GLY D 308 9.22 55.08 8.48
CA GLY D 308 8.97 56.49 8.27
C GLY D 308 9.55 57.09 7.01
N ARG D 309 10.07 56.28 6.09
CA ARG D 309 10.67 57.00 4.97
C ARG D 309 9.79 56.93 3.73
N PRO D 310 9.82 57.93 2.85
CA PRO D 310 8.94 57.89 1.67
C PRO D 310 9.44 56.91 0.62
N ALA D 311 8.49 56.37 -0.14
CA ALA D 311 8.82 55.47 -1.25
C ALA D 311 7.71 55.52 -2.28
N LYS D 312 8.10 55.33 -3.53
CA LYS D 312 7.16 55.41 -4.64
C LYS D 312 6.22 54.20 -4.64
N LEU D 313 5.00 54.44 -5.11
CA LEU D 313 4.00 53.39 -5.22
C LEU D 313 4.00 52.81 -6.62
N PHE D 314 3.75 51.50 -6.70
CA PHE D 314 3.84 50.76 -7.95
C PHE D 314 2.60 49.91 -8.15
N ARG D 315 2.24 49.70 -9.41
CA ARG D 315 1.16 48.82 -9.81
C ARG D 315 1.67 47.84 -10.85
N PHE D 316 1.03 46.68 -10.94
CA PHE D 316 1.36 45.75 -12.01
C PHE D 316 0.81 46.29 -13.33
N ARG D 317 1.62 46.18 -14.38
CA ARG D 317 1.25 46.76 -15.67
C ARG D 317 0.00 46.10 -16.22
N GLN D 318 -0.79 46.89 -16.96
CA GLN D 318 -2.00 46.37 -17.57
C GLN D 318 -1.70 45.24 -18.55
N THR D 319 -0.51 45.25 -19.14
CA THR D 319 -0.12 44.17 -20.04
C THR D 319 -0.06 42.83 -19.31
N VAL D 320 0.46 42.84 -18.07
CA VAL D 320 0.51 41.61 -17.28
C VAL D 320 -0.89 41.10 -16.98
N LEU D 321 -1.82 42.01 -16.66
CA LEU D 321 -3.19 41.59 -16.40
C LEU D 321 -3.87 41.06 -17.66
N ASP D 322 -3.56 41.65 -18.82
CA ASP D 322 -4.24 41.25 -20.05
C ASP D 322 -3.81 39.87 -20.51
N GLU D 323 -2.53 39.54 -20.38
CA GLU D 323 -2.08 38.22 -20.81
C GLU D 323 -2.65 37.12 -19.91
N ARG D 324 -2.75 37.38 -18.61
CA ARG D 324 -3.31 36.39 -17.70
C ARG D 324 -4.76 36.09 -18.03
N ALA D 325 -5.51 37.09 -18.52
CA ALA D 325 -6.90 36.88 -18.91
C ALA D 325 -7.01 35.98 -20.13
N LEU D 326 -6.11 36.17 -21.11
CA LEU D 326 -6.12 35.34 -22.30
C LEU D 326 -5.57 33.94 -22.04
N SER D 327 -4.97 33.70 -20.89
CA SER D 327 -4.40 32.40 -20.54
C SER D 327 -5.44 31.52 -19.85
N GLY D 328 -5.16 30.22 -19.85
CA GLY D 328 -6.05 29.26 -19.22
C GLY D 328 -5.76 29.04 -17.75
#